data_5BXW
# 
_entry.id   5BXW 
# 
_audit_conform.dict_name       mmcif_pdbx.dic 
_audit_conform.dict_version    5.387 
_audit_conform.dict_location   http://mmcif.pdb.org/dictionaries/ascii/mmcif_pdbx.dic 
# 
loop_
_database_2.database_id 
_database_2.database_code 
_database_2.pdbx_database_accession 
_database_2.pdbx_DOI 
PDB   5BXW         pdb_00005bxw 10.2210/pdb5bxw/pdb 
WWPDB D_1000210740 ?            ?                   
# 
loop_
_pdbx_audit_revision_history.ordinal 
_pdbx_audit_revision_history.data_content_type 
_pdbx_audit_revision_history.major_revision 
_pdbx_audit_revision_history.minor_revision 
_pdbx_audit_revision_history.revision_date 
1 'Structure model' 1 0 2015-11-11 
2 'Structure model' 1 1 2015-12-16 
3 'Structure model' 1 2 2016-07-20 
4 'Structure model' 1 3 2017-11-22 
5 'Structure model' 1 4 2024-03-06 
# 
_pdbx_audit_revision_details.ordinal             1 
_pdbx_audit_revision_details.revision_ordinal    1 
_pdbx_audit_revision_details.data_content_type   'Structure model' 
_pdbx_audit_revision_details.provider            repository 
_pdbx_audit_revision_details.type                'Initial release' 
_pdbx_audit_revision_details.description         ? 
_pdbx_audit_revision_details.details             ? 
# 
loop_
_pdbx_audit_revision_group.ordinal 
_pdbx_audit_revision_group.revision_ordinal 
_pdbx_audit_revision_group.data_content_type 
_pdbx_audit_revision_group.group 
1 2 'Structure model' 'Database references'    
2 3 'Structure model' 'Data collection'        
3 4 'Structure model' 'Derived calculations'   
4 4 'Structure model' 'Refinement description' 
5 5 'Structure model' 'Data collection'        
6 5 'Structure model' 'Database references'    
# 
loop_
_pdbx_audit_revision_category.ordinal 
_pdbx_audit_revision_category.revision_ordinal 
_pdbx_audit_revision_category.data_content_type 
_pdbx_audit_revision_category.category 
1 4 'Structure model' pdbx_struct_oper_list 
2 4 'Structure model' software              
3 5 'Structure model' chem_comp_atom        
4 5 'Structure model' chem_comp_bond        
5 5 'Structure model' database_2            
# 
loop_
_pdbx_audit_revision_item.ordinal 
_pdbx_audit_revision_item.revision_ordinal 
_pdbx_audit_revision_item.data_content_type 
_pdbx_audit_revision_item.item 
1 4 'Structure model' '_pdbx_struct_oper_list.symmetry_operation' 
2 4 'Structure model' '_software.classification'                  
3 5 'Structure model' '_database_2.pdbx_DOI'                      
4 5 'Structure model' '_database_2.pdbx_database_accession'       
# 
_pdbx_database_status.status_code                     REL 
_pdbx_database_status.status_code_sf                  REL 
_pdbx_database_status.status_code_mr                  ? 
_pdbx_database_status.entry_id                        5BXW 
_pdbx_database_status.recvd_initial_deposition_date   2015-06-09 
_pdbx_database_status.SG_entry                        N 
_pdbx_database_status.deposit_site                    RCSB 
_pdbx_database_status.process_site                    RCSB 
_pdbx_database_status.status_code_cs                  ? 
_pdbx_database_status.methods_development_category    ? 
_pdbx_database_status.pdb_format_compatible           Y 
_pdbx_database_status.status_code_nmr_data            ? 
# 
loop_
_pdbx_database_related.content_type 
_pdbx_database_related.db_id 
_pdbx_database_related.db_name 
_pdbx_database_related.details 
unspecified 5BZ7 PDB . 
unspecified 5BZ9 PDB . 
unspecified 5BZY PDB . 
# 
loop_
_audit_author.name 
_audit_author.pdbx_ordinal 
'Saoji, M.'        1 
'Paukstelis, P.J.' 2 
# 
_citation.abstract                  ? 
_citation.abstract_id_CAS           ? 
_citation.book_id_ISBN              ? 
_citation.book_publisher            ? 
_citation.book_publisher_city       ? 
_citation.book_title                ? 
_citation.coordinate_linkage        ? 
_citation.country                   US 
_citation.database_id_Medline       ? 
_citation.details                   ? 
_citation.id                        primary 
_citation.journal_abbrev            'Acta Crystallogr.,Sect.D' 
_citation.journal_id_ASTM           ABCRE6 
_citation.journal_id_CSD            ? 
_citation.journal_id_ISSN           1399-0047 
_citation.journal_full              ? 
_citation.journal_issue             ? 
_citation.journal_volume            71 
_citation.language                  ? 
_citation.page_first                2471 
_citation.page_last                 2478 
_citation.title                     'Sequence-dependent structural changes in a self-assembling DNA oligonucleotide.' 
_citation.year                      2015 
_citation.database_id_CSD           ? 
_citation.pdbx_database_id_DOI      10.1107/S1399004715019598 
_citation.pdbx_database_id_PubMed   26627654 
_citation.unpublished_flag          ? 
# 
loop_
_citation_author.citation_id 
_citation_author.name 
_citation_author.ordinal 
_citation_author.identifier_ORCID 
primary 'Saoji, M.'        1 ? 
primary 'Paukstelis, P.J.' 2 ? 
# 
loop_
_entity.id 
_entity.type 
_entity.src_method 
_entity.pdbx_description 
_entity.formula_weight 
_entity.pdbx_number_of_molecules 
_entity.pdbx_ec 
_entity.pdbx_mutation 
_entity.pdbx_fragment 
_entity.details 
1 polymer     syn 
;DNA (5'-D(*GP*GP*AP*AP*AP*GP*CP*TP*TP*GP*GP*AP*GP*A)-3')
;
4393.879 1  ? ? ? ? 
2 non-polymer syn 'MAGNESIUM ION'                                            24.305   2  ? ? ? ? 
3 water       nat water                                                      18.015   13 ? ? ? ? 
# 
_entity_poly.entity_id                      1 
_entity_poly.type                           polydeoxyribonucleotide 
_entity_poly.nstd_linkage                   no 
_entity_poly.nstd_monomer                   no 
_entity_poly.pdbx_seq_one_letter_code       '(DG)(DG)(DA)(DA)(DA)(DG)(DC)(DT)(DT)(DG)(DG)(DA)(DG)(DA)' 
_entity_poly.pdbx_seq_one_letter_code_can   GGAAAGCTTGGAGA 
_entity_poly.pdbx_strand_id                 A 
_entity_poly.pdbx_target_identifier         ? 
# 
loop_
_pdbx_entity_nonpoly.entity_id 
_pdbx_entity_nonpoly.name 
_pdbx_entity_nonpoly.comp_id 
2 'MAGNESIUM ION' MG  
3 water           HOH 
# 
loop_
_entity_poly_seq.entity_id 
_entity_poly_seq.num 
_entity_poly_seq.mon_id 
_entity_poly_seq.hetero 
1 1  DG n 
1 2  DG n 
1 3  DA n 
1 4  DA n 
1 5  DA n 
1 6  DG n 
1 7  DC n 
1 8  DT n 
1 9  DT n 
1 10 DG n 
1 11 DG n 
1 12 DA n 
1 13 DG n 
1 14 DA n 
# 
_pdbx_entity_src_syn.entity_id              1 
_pdbx_entity_src_syn.pdbx_src_id            1 
_pdbx_entity_src_syn.pdbx_alt_source_flag   sample 
_pdbx_entity_src_syn.pdbx_beg_seq_num       1 
_pdbx_entity_src_syn.pdbx_end_seq_num       14 
_pdbx_entity_src_syn.organism_scientific    'synthetic construct' 
_pdbx_entity_src_syn.organism_common_name   ? 
_pdbx_entity_src_syn.ncbi_taxonomy_id       32630 
_pdbx_entity_src_syn.details                ? 
# 
loop_
_chem_comp.id 
_chem_comp.type 
_chem_comp.mon_nstd_flag 
_chem_comp.name 
_chem_comp.pdbx_synonyms 
_chem_comp.formula 
_chem_comp.formula_weight 
DA  'DNA linking' y "2'-DEOXYADENOSINE-5'-MONOPHOSPHATE" ? 'C10 H14 N5 O6 P' 331.222 
DC  'DNA linking' y "2'-DEOXYCYTIDINE-5'-MONOPHOSPHATE"  ? 'C9 H14 N3 O7 P'  307.197 
DG  'DNA linking' y "2'-DEOXYGUANOSINE-5'-MONOPHOSPHATE" ? 'C10 H14 N5 O7 P' 347.221 
DT  'DNA linking' y "THYMIDINE-5'-MONOPHOSPHATE"         ? 'C10 H15 N2 O8 P' 322.208 
HOH non-polymer   . WATER                                ? 'H2 O'            18.015  
MG  non-polymer   . 'MAGNESIUM ION'                      ? 'Mg 2'            24.305  
# 
loop_
_pdbx_poly_seq_scheme.asym_id 
_pdbx_poly_seq_scheme.entity_id 
_pdbx_poly_seq_scheme.seq_id 
_pdbx_poly_seq_scheme.mon_id 
_pdbx_poly_seq_scheme.ndb_seq_num 
_pdbx_poly_seq_scheme.pdb_seq_num 
_pdbx_poly_seq_scheme.auth_seq_num 
_pdbx_poly_seq_scheme.pdb_mon_id 
_pdbx_poly_seq_scheme.auth_mon_id 
_pdbx_poly_seq_scheme.pdb_strand_id 
_pdbx_poly_seq_scheme.pdb_ins_code 
_pdbx_poly_seq_scheme.hetero 
A 1 1  DG 1  1  1  DG DG A . n 
A 1 2  DG 2  2  2  DG DG A . n 
A 1 3  DA 3  3  3  DA DA A . n 
A 1 4  DA 4  4  4  DA DA A . n 
A 1 5  DA 5  5  5  DA DA A . n 
A 1 6  DG 6  6  6  DG DG A . n 
A 1 7  DC 7  7  7  DC DC A . n 
A 1 8  DT 8  8  8  DT DT A . n 
A 1 9  DT 9  9  9  DT DT A . n 
A 1 10 DG 10 10 10 DG DG A . n 
A 1 11 DG 11 11 11 DG DG A . n 
A 1 12 DA 12 12 12 DA DA A . n 
A 1 13 DG 13 13 13 DG DG A . n 
A 1 14 DA 14 14 14 DA DA A . n 
# 
loop_
_pdbx_nonpoly_scheme.asym_id 
_pdbx_nonpoly_scheme.entity_id 
_pdbx_nonpoly_scheme.mon_id 
_pdbx_nonpoly_scheme.ndb_seq_num 
_pdbx_nonpoly_scheme.pdb_seq_num 
_pdbx_nonpoly_scheme.auth_seq_num 
_pdbx_nonpoly_scheme.pdb_mon_id 
_pdbx_nonpoly_scheme.auth_mon_id 
_pdbx_nonpoly_scheme.pdb_strand_id 
_pdbx_nonpoly_scheme.pdb_ins_code 
B 2 MG  1  101 1  MG  MG  A . 
C 2 MG  1  102 3  MG  MG  A . 
D 3 HOH 1  201 9  HOH HOH A . 
D 3 HOH 2  202 7  HOH HOH A . 
D 3 HOH 3  203 15 HOH HOH A . 
D 3 HOH 4  204 1  HOH HOH A . 
D 3 HOH 5  205 13 HOH HOH A . 
D 3 HOH 6  206 2  HOH HOH A . 
D 3 HOH 7  207 3  HOH HOH A . 
D 3 HOH 8  208 16 HOH HOH A . 
D 3 HOH 9  209 8  HOH HOH A . 
D 3 HOH 10 210 12 HOH HOH A . 
D 3 HOH 11 211 11 HOH HOH A . 
D 3 HOH 12 212 14 HOH HOH A . 
D 3 HOH 13 213 17 HOH HOH A . 
# 
loop_
_software.citation_id 
_software.classification 
_software.compiler_name 
_software.compiler_version 
_software.contact_author 
_software.contact_author_email 
_software.date 
_software.description 
_software.dependencies 
_software.hardware 
_software.language 
_software.location 
_software.mods 
_software.name 
_software.os 
_software.os_version 
_software.type 
_software.version 
_software.pdbx_ordinal 
? refinement     ? ? ? ? ? ? ? ? ? ? ? REFMAC  ? ? ? 5.8.0073 1 
? refinement     ? ? ? ? ? ? ? ? ? ? ? PHENIX  ? ? ? .        2 
? 'data scaling' ? ? ? ? ? ? ? ? ? ? ? Aimless ? ? ? .        3 
? 'data scaling' ? ? ? ? ? ? ? ? ? ? ? XDS     ? ? ? .        4 
? phasing        ? ? ? ? ? ? ? ? ? ? ? SHELXDE ? ? ? .        5 
# 
_cell.angle_alpha                  90.00 
_cell.angle_alpha_esd              ? 
_cell.angle_beta                   90.00 
_cell.angle_beta_esd               ? 
_cell.angle_gamma                  120.00 
_cell.angle_gamma_esd              ? 
_cell.entry_id                     5BXW 
_cell.details                      ? 
_cell.formula_units_Z              ? 
_cell.length_a                     25.827 
_cell.length_a_esd                 ? 
_cell.length_b                     25.827 
_cell.length_b_esd                 ? 
_cell.length_c                     123.080 
_cell.length_c_esd                 ? 
_cell.volume                       ? 
_cell.volume_esd                   ? 
_cell.Z_PDB                        6 
_cell.reciprocal_angle_alpha       ? 
_cell.reciprocal_angle_beta        ? 
_cell.reciprocal_angle_gamma       ? 
_cell.reciprocal_angle_alpha_esd   ? 
_cell.reciprocal_angle_beta_esd    ? 
_cell.reciprocal_angle_gamma_esd   ? 
_cell.reciprocal_length_a          ? 
_cell.reciprocal_length_b          ? 
_cell.reciprocal_length_c          ? 
_cell.reciprocal_length_a_esd      ? 
_cell.reciprocal_length_b_esd      ? 
_cell.reciprocal_length_c_esd      ? 
_cell.pdbx_unique_axis             ? 
# 
_symmetry.entry_id                         5BXW 
_symmetry.cell_setting                     ? 
_symmetry.Int_Tables_number                152 
_symmetry.space_group_name_Hall            ? 
_symmetry.space_group_name_H-M             'P 31 2 1' 
_symmetry.pdbx_full_space_group_name_H-M   ? 
# 
_exptl.absorpt_coefficient_mu     ? 
_exptl.absorpt_correction_T_max   ? 
_exptl.absorpt_correction_T_min   ? 
_exptl.absorpt_correction_type    ? 
_exptl.absorpt_process_details    ? 
_exptl.entry_id                   5BXW 
_exptl.crystals_number            ? 
_exptl.details                    ? 
_exptl.method                     'X-RAY DIFFRACTION' 
_exptl.method_details             ? 
# 
_exptl_crystal.colour                      ? 
_exptl_crystal.density_diffrn              ? 
_exptl_crystal.density_Matthews            2.70 
_exptl_crystal.density_method              ? 
_exptl_crystal.density_percent_sol         54.39 
_exptl_crystal.description                 ? 
_exptl_crystal.F_000                       ? 
_exptl_crystal.id                          1 
_exptl_crystal.preparation                 ? 
_exptl_crystal.size_max                    ? 
_exptl_crystal.size_mid                    ? 
_exptl_crystal.size_min                    ? 
_exptl_crystal.size_rad                    ? 
_exptl_crystal.colour_lustre               ? 
_exptl_crystal.colour_modifier             ? 
_exptl_crystal.colour_primary              ? 
_exptl_crystal.density_meas                ? 
_exptl_crystal.density_meas_esd            ? 
_exptl_crystal.density_meas_gt             ? 
_exptl_crystal.density_meas_lt             ? 
_exptl_crystal.density_meas_temp           ? 
_exptl_crystal.density_meas_temp_esd       ? 
_exptl_crystal.density_meas_temp_gt        ? 
_exptl_crystal.density_meas_temp_lt        ? 
_exptl_crystal.pdbx_crystal_image_url      ? 
_exptl_crystal.pdbx_crystal_image_format   ? 
_exptl_crystal.pdbx_mosaicity              ? 
_exptl_crystal.pdbx_mosaicity_esd          ? 
# 
_exptl_crystal_grow.apparatus       ? 
_exptl_crystal_grow.atmosphere      ? 
_exptl_crystal_grow.crystal_id      1 
_exptl_crystal_grow.details         ? 
_exptl_crystal_grow.method          'VAPOR DIFFUSION, SITTING DROP' 
_exptl_crystal_grow.method_ref      ? 
_exptl_crystal_grow.pH              ? 
_exptl_crystal_grow.pressure        ? 
_exptl_crystal_grow.pressure_esd    ? 
_exptl_crystal_grow.seeding         ? 
_exptl_crystal_grow.seeding_ref     ? 
_exptl_crystal_grow.temp            296.15 
_exptl_crystal_grow.temp_details    ? 
_exptl_crystal_grow.temp_esd        ? 
_exptl_crystal_grow.time            ? 
_exptl_crystal_grow.pdbx_details    
;120mM Magnesium Formate
50mM Lithium Chloride
10% MPD
;
_exptl_crystal_grow.pdbx_pH_range   ? 
# 
_diffrn.ambient_environment    ? 
_diffrn.ambient_temp           77.15 
_diffrn.ambient_temp_details   ? 
_diffrn.ambient_temp_esd       ? 
_diffrn.crystal_id             1 
_diffrn.crystal_support        ? 
_diffrn.crystal_treatment      ? 
_diffrn.details                ? 
_diffrn.id                     1 
_diffrn.ambient_pressure       ? 
_diffrn.ambient_pressure_esd   ? 
_diffrn.ambient_pressure_gt    ? 
_diffrn.ambient_pressure_lt    ? 
_diffrn.ambient_temp_gt        ? 
_diffrn.ambient_temp_lt        ? 
# 
_diffrn_detector.details                      ? 
_diffrn_detector.detector                     PIXEL 
_diffrn_detector.diffrn_id                    1 
_diffrn_detector.type                         'PSI PILATUS 6M' 
_diffrn_detector.area_resol_mean              ? 
_diffrn_detector.dtime                        ? 
_diffrn_detector.pdbx_frames_total            ? 
_diffrn_detector.pdbx_collection_time_total   ? 
_diffrn_detector.pdbx_collection_date         2014-06-29 
# 
_diffrn_radiation.collimation                      ? 
_diffrn_radiation.diffrn_id                        1 
_diffrn_radiation.filter_edge                      ? 
_diffrn_radiation.inhomogeneity                    ? 
_diffrn_radiation.monochromator                    'Si (111)' 
_diffrn_radiation.polarisn_norm                    ? 
_diffrn_radiation.polarisn_ratio                   ? 
_diffrn_radiation.probe                            ? 
_diffrn_radiation.type                             ? 
_diffrn_radiation.xray_symbol                      ? 
_diffrn_radiation.wavelength_id                    1 
_diffrn_radiation.pdbx_monochromatic_or_laue_m_l   M 
_diffrn_radiation.pdbx_wavelength_list             ? 
_diffrn_radiation.pdbx_wavelength                  ? 
_diffrn_radiation.pdbx_diffrn_protocol             'SINGLE WAVELENGTH' 
_diffrn_radiation.pdbx_analyzer                    ? 
_diffrn_radiation.pdbx_scattering_type             x-ray 
# 
_diffrn_radiation_wavelength.id           1 
_diffrn_radiation_wavelength.wavelength   0.979200 
_diffrn_radiation_wavelength.wt           1.0 
# 
_diffrn_source.current                     ? 
_diffrn_source.details                     ? 
_diffrn_source.diffrn_id                   1 
_diffrn_source.power                       ? 
_diffrn_source.size                        ? 
_diffrn_source.source                      SYNCHROTRON 
_diffrn_source.target                      ? 
_diffrn_source.type                        'APS BEAMLINE 24-ID-C' 
_diffrn_source.voltage                     ? 
_diffrn_source.take-off_angle              ? 
_diffrn_source.pdbx_wavelength_list        0.979200 
_diffrn_source.pdbx_wavelength             ? 
_diffrn_source.pdbx_synchrotron_beamline   24-ID-C 
_diffrn_source.pdbx_synchrotron_site       APS 
# 
_reflns.B_iso_Wilson_estimate            ? 
_reflns.entry_id                         5BXW 
_reflns.data_reduction_details           ? 
_reflns.data_reduction_method            ? 
_reflns.d_resolution_high                2.15 
_reflns.d_resolution_low                 41.03 
_reflns.details                          ? 
_reflns.limit_h_max                      ? 
_reflns.limit_h_min                      ? 
_reflns.limit_k_max                      ? 
_reflns.limit_k_min                      ? 
_reflns.limit_l_max                      ? 
_reflns.limit_l_min                      ? 
_reflns.number_all                       ? 
_reflns.number_obs                       2965 
_reflns.observed_criterion               ? 
_reflns.observed_criterion_F_max         ? 
_reflns.observed_criterion_F_min         ? 
_reflns.observed_criterion_I_max         ? 
_reflns.observed_criterion_I_min         ? 
_reflns.observed_criterion_sigma_F       ? 
_reflns.observed_criterion_sigma_I       ? 
_reflns.percent_possible_obs             99.9 
_reflns.R_free_details                   ? 
_reflns.Rmerge_F_all                     ? 
_reflns.Rmerge_F_obs                     ? 
_reflns.Friedel_coverage                 ? 
_reflns.number_gt                        ? 
_reflns.threshold_expression             ? 
_reflns.pdbx_redundancy                  6.8 
_reflns.pdbx_Rmerge_I_obs                0.149 
_reflns.pdbx_Rmerge_I_all                ? 
_reflns.pdbx_Rsym_value                  ? 
_reflns.pdbx_netI_over_av_sigmaI         ? 
_reflns.pdbx_netI_over_sigmaI            14.7 
_reflns.pdbx_res_netI_over_av_sigmaI_2   ? 
_reflns.pdbx_res_netI_over_sigmaI_2      ? 
_reflns.pdbx_chi_squared                 ? 
_reflns.pdbx_scaling_rejects             ? 
_reflns.pdbx_d_res_high_opt              ? 
_reflns.pdbx_d_res_low_opt               ? 
_reflns.pdbx_d_res_opt_method            ? 
_reflns.phase_calculation_details        ? 
_reflns.pdbx_Rrim_I_all                  ? 
_reflns.pdbx_Rpim_I_all                  ? 
_reflns.pdbx_d_opt                       ? 
_reflns.pdbx_number_measured_all         ? 
_reflns.pdbx_diffrn_id                   1 
_reflns.pdbx_ordinal                     1 
_reflns.pdbx_CC_half                     ? 
_reflns.pdbx_R_split                     ? 
# 
_reflns_shell.d_res_high                  2.15 
_reflns_shell.d_res_low                   2.23 
_reflns_shell.meanI_over_sigI_all         ? 
_reflns_shell.meanI_over_sigI_obs         2.5 
_reflns_shell.number_measured_all         ? 
_reflns_shell.number_measured_obs         ? 
_reflns_shell.number_possible             ? 
_reflns_shell.number_unique_all           ? 
_reflns_shell.number_unique_obs           ? 
_reflns_shell.percent_possible_all        99.9 
_reflns_shell.percent_possible_obs        ? 
_reflns_shell.Rmerge_F_all                ? 
_reflns_shell.Rmerge_F_obs                ? 
_reflns_shell.Rmerge_I_all                ? 
_reflns_shell.Rmerge_I_obs                0.282 
_reflns_shell.meanI_over_sigI_gt          ? 
_reflns_shell.meanI_over_uI_all           ? 
_reflns_shell.meanI_over_uI_gt            ? 
_reflns_shell.number_measured_gt          ? 
_reflns_shell.number_unique_gt            ? 
_reflns_shell.percent_possible_gt         ? 
_reflns_shell.Rmerge_F_gt                 ? 
_reflns_shell.Rmerge_I_gt                 ? 
_reflns_shell.pdbx_redundancy             4.5 
_reflns_shell.pdbx_Rsym_value             ? 
_reflns_shell.pdbx_chi_squared            ? 
_reflns_shell.pdbx_netI_over_sigmaI_all   ? 
_reflns_shell.pdbx_netI_over_sigmaI_obs   ? 
_reflns_shell.pdbx_Rrim_I_all             ? 
_reflns_shell.pdbx_Rpim_I_all             ? 
_reflns_shell.pdbx_rejects                ? 
_reflns_shell.pdbx_ordinal                1 
_reflns_shell.pdbx_diffrn_id              1 
_reflns_shell.pdbx_CC_half                ? 
_reflns_shell.pdbx_R_split                ? 
# 
_refine.aniso_B[1][1]                            0.02 
_refine.aniso_B[1][2]                            0.01 
_refine.aniso_B[1][3]                            0.00 
_refine.aniso_B[2][2]                            0.02 
_refine.aniso_B[2][3]                            -0.00 
_refine.aniso_B[3][3]                            -0.06 
_refine.B_iso_max                                ? 
_refine.B_iso_mean                               61.350 
_refine.B_iso_min                                ? 
_refine.correlation_coeff_Fo_to_Fc               0.955 
_refine.correlation_coeff_Fo_to_Fc_free          0.945 
_refine.details                                  'HYDROGENS HAVE BEEN ADDED IN THE RIDING POSITIONS' 
_refine.diff_density_max                         ? 
_refine.diff_density_max_esd                     ? 
_refine.diff_density_min                         ? 
_refine.diff_density_min_esd                     ? 
_refine.diff_density_rms                         ? 
_refine.diff_density_rms_esd                     ? 
_refine.entry_id                                 5BXW 
_refine.pdbx_refine_id                           'X-RAY DIFFRACTION' 
_refine.ls_abs_structure_details                 ? 
_refine.ls_abs_structure_Flack                   ? 
_refine.ls_abs_structure_Flack_esd               ? 
_refine.ls_abs_structure_Rogers                  ? 
_refine.ls_abs_structure_Rogers_esd              ? 
_refine.ls_d_res_high                            2.15 
_refine.ls_d_res_low                             41.03 
_refine.ls_extinction_coef                       ? 
_refine.ls_extinction_coef_esd                   ? 
_refine.ls_extinction_expression                 ? 
_refine.ls_extinction_method                     ? 
_refine.ls_goodness_of_fit_all                   ? 
_refine.ls_goodness_of_fit_all_esd               ? 
_refine.ls_goodness_of_fit_obs                   ? 
_refine.ls_goodness_of_fit_obs_esd               ? 
_refine.ls_hydrogen_treatment                    ? 
_refine.ls_matrix_type                           ? 
_refine.ls_number_constraints                    ? 
_refine.ls_number_parameters                     ? 
_refine.ls_number_reflns_all                     ? 
_refine.ls_number_reflns_obs                     2626 
_refine.ls_number_reflns_R_free                  276 
_refine.ls_number_reflns_R_work                  ? 
_refine.ls_number_restraints                     ? 
_refine.ls_percent_reflns_obs                    98.84 
_refine.ls_percent_reflns_R_free                 9.5 
_refine.ls_R_factor_all                          ? 
_refine.ls_R_factor_obs                          0.24624 
_refine.ls_R_factor_R_free                       0.26275 
_refine.ls_R_factor_R_free_error                 ? 
_refine.ls_R_factor_R_free_error_details         ? 
_refine.ls_R_factor_R_work                       0.24431 
_refine.ls_R_Fsqd_factor_obs                     ? 
_refine.ls_R_I_factor_obs                        ? 
_refine.ls_redundancy_reflns_all                 ? 
_refine.ls_redundancy_reflns_obs                 ? 
_refine.ls_restrained_S_all                      ? 
_refine.ls_restrained_S_obs                      ? 
_refine.ls_shift_over_esd_max                    ? 
_refine.ls_shift_over_esd_mean                   ? 
_refine.ls_structure_factor_coef                 ? 
_refine.ls_weighting_details                     ? 
_refine.ls_weighting_scheme                      ? 
_refine.ls_wR_factor_all                         ? 
_refine.ls_wR_factor_obs                         ? 
_refine.ls_wR_factor_R_free                      ? 
_refine.ls_wR_factor_R_work                      ? 
_refine.occupancy_max                            ? 
_refine.occupancy_min                            ? 
_refine.solvent_model_details                    MASK 
_refine.solvent_model_param_bsol                 ? 
_refine.solvent_model_param_ksol                 ? 
_refine.ls_R_factor_gt                           ? 
_refine.ls_goodness_of_fit_gt                    ? 
_refine.ls_goodness_of_fit_ref                   ? 
_refine.ls_shift_over_su_max                     ? 
_refine.ls_shift_over_su_max_lt                  ? 
_refine.ls_shift_over_su_mean                    ? 
_refine.ls_shift_over_su_mean_lt                 ? 
_refine.pdbx_ls_sigma_I                          ? 
_refine.pdbx_ls_sigma_F                          ? 
_refine.pdbx_ls_sigma_Fsqd                       ? 
_refine.pdbx_data_cutoff_high_absF               ? 
_refine.pdbx_data_cutoff_high_rms_absF           ? 
_refine.pdbx_data_cutoff_low_absF                ? 
_refine.pdbx_isotropic_thermal_model             ? 
_refine.pdbx_ls_cross_valid_method               THROUGHOUT 
_refine.pdbx_method_to_determine_struct          SAD 
_refine.pdbx_starting_model                      ? 
_refine.pdbx_stereochemistry_target_values       'MAXIMUM LIKELIHOOD' 
_refine.pdbx_R_Free_selection_details            RANDOM 
_refine.pdbx_stereochem_target_val_spec_case     ? 
_refine.pdbx_overall_ESU_R                       0.256 
_refine.pdbx_overall_ESU_R_Free                  0.201 
_refine.pdbx_solvent_vdw_probe_radii             1.40 
_refine.pdbx_solvent_ion_probe_radii             0.90 
_refine.pdbx_solvent_shrinkage_radii             0.90 
_refine.pdbx_real_space_R                        ? 
_refine.pdbx_density_correlation                 ? 
_refine.pdbx_pd_number_of_powder_patterns        ? 
_refine.pdbx_pd_number_of_points                 ? 
_refine.pdbx_pd_meas_number_of_points            ? 
_refine.pdbx_pd_proc_ls_prof_R_factor            ? 
_refine.pdbx_pd_proc_ls_prof_wR_factor           ? 
_refine.pdbx_pd_Marquardt_correlation_coeff      ? 
_refine.pdbx_pd_Fsqrd_R_factor                   ? 
_refine.pdbx_pd_ls_matrix_band_width             ? 
_refine.pdbx_overall_phase_error                 ? 
_refine.pdbx_overall_SU_R_free_Cruickshank_DPI   ? 
_refine.pdbx_overall_SU_R_free_Blow_DPI          ? 
_refine.pdbx_overall_SU_R_Blow_DPI               ? 
_refine.pdbx_TLS_residual_ADP_flag               ? 
_refine.pdbx_diffrn_id                           1 
_refine.overall_SU_B                             13.738 
_refine.overall_SU_ML                            0.171 
_refine.overall_SU_R_Cruickshank_DPI             ? 
_refine.overall_SU_R_free                        ? 
_refine.overall_FOM_free_R_set                   ? 
_refine.overall_FOM_work_R_set                   ? 
_refine.pdbx_average_fsc_overall                 ? 
_refine.pdbx_average_fsc_work                    ? 
_refine.pdbx_average_fsc_free                    ? 
# 
_refine_hist.pdbx_refine_id                   'X-RAY DIFFRACTION' 
_refine_hist.cycle_id                         1 
_refine_hist.pdbx_number_atoms_protein        0 
_refine_hist.pdbx_number_atoms_nucleic_acid   293 
_refine_hist.pdbx_number_atoms_ligand         2 
_refine_hist.number_atoms_solvent             13 
_refine_hist.number_atoms_total               308 
_refine_hist.d_res_high                       2.15 
_refine_hist.d_res_low                        41.03 
# 
loop_
_refine_ls_restr.pdbx_refine_id 
_refine_ls_restr.criterion 
_refine_ls_restr.dev_ideal 
_refine_ls_restr.dev_ideal_target 
_refine_ls_restr.number 
_refine_ls_restr.rejects 
_refine_ls_restr.type 
_refine_ls_restr.weight 
_refine_ls_restr.pdbx_restraint_function 
'X-RAY DIFFRACTION' ? 0.008 0.011  331 ? r_bond_refined_d             ? ? 
'X-RAY DIFFRACTION' ? 0.001 0.020  157 ? r_bond_other_d               ? ? 
'X-RAY DIFFRACTION' ? 1.887 1.146  511 ? r_angle_refined_deg          ? ? 
'X-RAY DIFFRACTION' ? 1.856 3.000  371 ? r_angle_other_deg            ? ? 
'X-RAY DIFFRACTION' ? ?     ?      ?   ? r_dihedral_angle_1_deg       ? ? 
'X-RAY DIFFRACTION' ? ?     ?      ?   ? r_dihedral_angle_2_deg       ? ? 
'X-RAY DIFFRACTION' ? ?     ?      ?   ? r_dihedral_angle_3_deg       ? ? 
'X-RAY DIFFRACTION' ? ?     ?      ?   ? r_dihedral_angle_4_deg       ? ? 
'X-RAY DIFFRACTION' ? 0.136 0.200  42  ? r_chiral_restr               ? ? 
'X-RAY DIFFRACTION' ? 0.013 0.020  178 ? r_gen_planes_refined         ? ? 
'X-RAY DIFFRACTION' ? 0.002 0.020  74  ? r_gen_planes_other           ? ? 
'X-RAY DIFFRACTION' ? ?     ?      ?   ? r_nbd_refined                ? ? 
'X-RAY DIFFRACTION' ? ?     ?      ?   ? r_nbd_other                  ? ? 
'X-RAY DIFFRACTION' ? ?     ?      ?   ? r_nbtor_refined              ? ? 
'X-RAY DIFFRACTION' ? ?     ?      ?   ? r_nbtor_other                ? ? 
'X-RAY DIFFRACTION' ? ?     ?      ?   ? r_xyhbond_nbd_refined        ? ? 
'X-RAY DIFFRACTION' ? ?     ?      ?   ? r_xyhbond_nbd_other          ? ? 
'X-RAY DIFFRACTION' ? ?     ?      ?   ? r_metal_ion_refined          ? ? 
'X-RAY DIFFRACTION' ? ?     ?      ?   ? r_metal_ion_other            ? ? 
'X-RAY DIFFRACTION' ? ?     ?      ?   ? r_symmetry_vdw_refined       ? ? 
'X-RAY DIFFRACTION' ? ?     ?      ?   ? r_symmetry_vdw_other         ? ? 
'X-RAY DIFFRACTION' ? ?     ?      ?   ? r_symmetry_hbond_refined     ? ? 
'X-RAY DIFFRACTION' ? ?     ?      ?   ? r_symmetry_hbond_other       ? ? 
'X-RAY DIFFRACTION' ? ?     ?      ?   ? r_symmetry_metal_ion_refined ? ? 
'X-RAY DIFFRACTION' ? ?     ?      ?   ? r_symmetry_metal_ion_other   ? ? 
'X-RAY DIFFRACTION' ? ?     ?      ?   ? r_mcbond_it                  ? ? 
'X-RAY DIFFRACTION' ? ?     ?      ?   ? r_mcbond_other               ? ? 
'X-RAY DIFFRACTION' ? ?     ?      ?   ? r_mcangle_it                 ? ? 
'X-RAY DIFFRACTION' ? ?     ?      ?   ? r_mcangle_other              ? ? 
'X-RAY DIFFRACTION' ? 2.084 3.351  331 ? r_scbond_it                  ? ? 
'X-RAY DIFFRACTION' ? 2.081 3.346  332 ? r_scbond_other               ? ? 
'X-RAY DIFFRACTION' ? ?     ?      ?   ? r_scangle_it                 ? ? 
'X-RAY DIFFRACTION' ? 3.210 5.043  511 ? r_scangle_other              ? ? 
'X-RAY DIFFRACTION' ? 5.455 32.541 486 ? r_long_range_B_refined       ? ? 
'X-RAY DIFFRACTION' ? 5.450 32.507 487 ? r_long_range_B_other         ? ? 
'X-RAY DIFFRACTION' ? ?     ?      ?   ? r_rigid_bond_restr           ? ? 
'X-RAY DIFFRACTION' ? ?     ?      ?   ? r_sphericity_free            ? ? 
'X-RAY DIFFRACTION' ? ?     ?      ?   ? r_sphericity_bonded          ? ? 
# 
_refine_ls_shell.pdbx_refine_id                   'X-RAY DIFFRACTION' 
_refine_ls_shell.d_res_high                       2.150 
_refine_ls_shell.d_res_low                        2.206 
_refine_ls_shell.number_reflns_all                ? 
_refine_ls_shell.number_reflns_obs                ? 
_refine_ls_shell.number_reflns_R_free             20 
_refine_ls_shell.number_reflns_R_work             178 
_refine_ls_shell.percent_reflns_obs               99.00 
_refine_ls_shell.percent_reflns_R_free            ? 
_refine_ls_shell.R_factor_all                     ? 
_refine_ls_shell.R_factor_obs                     ? 
_refine_ls_shell.R_factor_R_free                  0.606 
_refine_ls_shell.R_factor_R_free_error            ? 
_refine_ls_shell.R_factor_R_work                  0.421 
_refine_ls_shell.redundancy_reflns_all            ? 
_refine_ls_shell.redundancy_reflns_obs            ? 
_refine_ls_shell.wR_factor_all                    ? 
_refine_ls_shell.wR_factor_obs                    ? 
_refine_ls_shell.wR_factor_R_free                 ? 
_refine_ls_shell.wR_factor_R_work                 ? 
_refine_ls_shell.pdbx_total_number_of_bins_used   20 
_refine_ls_shell.pdbx_phase_error                 ? 
_refine_ls_shell.pdbx_fsc_work                    ? 
_refine_ls_shell.pdbx_fsc_free                    ? 
# 
_struct.entry_id                     5BXW 
_struct.title                        'X-ray crystal structure of a continuously hydrogen bonded 14mer DNA lattice.' 
_struct.pdbx_model_details           ? 
_struct.pdbx_formula_weight          ? 
_struct.pdbx_formula_weight_method   ? 
_struct.pdbx_model_type_details      ? 
_struct.pdbx_CASP_flag               ? 
# 
_struct_keywords.entry_id        5BXW 
_struct_keywords.text            '3D DNA lattice, 14mer DNA, Self assembly, DNA' 
_struct_keywords.pdbx_keywords   DNA 
# 
loop_
_struct_asym.id 
_struct_asym.pdbx_blank_PDB_chainid_flag 
_struct_asym.pdbx_modified 
_struct_asym.entity_id 
_struct_asym.details 
A N N 1 ? 
B N N 2 ? 
C N N 2 ? 
D N N 3 ? 
# 
_struct_ref.id                         1 
_struct_ref.db_name                    PDB 
_struct_ref.db_code                    5BXW 
_struct_ref.pdbx_db_accession          5BXW 
_struct_ref.pdbx_db_isoform            ? 
_struct_ref.entity_id                  1 
_struct_ref.pdbx_seq_one_letter_code   ? 
_struct_ref.pdbx_align_begin           1 
# 
_struct_ref_seq.align_id                      1 
_struct_ref_seq.ref_id                        1 
_struct_ref_seq.pdbx_PDB_id_code              5BXW 
_struct_ref_seq.pdbx_strand_id                A 
_struct_ref_seq.seq_align_beg                 1 
_struct_ref_seq.pdbx_seq_align_beg_ins_code   ? 
_struct_ref_seq.seq_align_end                 14 
_struct_ref_seq.pdbx_seq_align_end_ins_code   ? 
_struct_ref_seq.pdbx_db_accession             5BXW 
_struct_ref_seq.db_align_beg                  1 
_struct_ref_seq.pdbx_db_align_beg_ins_code    ? 
_struct_ref_seq.db_align_end                  14 
_struct_ref_seq.pdbx_db_align_end_ins_code    ? 
_struct_ref_seq.pdbx_auth_seq_align_beg       1 
_struct_ref_seq.pdbx_auth_seq_align_end       14 
# 
_pdbx_struct_assembly.id                   1 
_pdbx_struct_assembly.details              author_and_software_defined_assembly 
_pdbx_struct_assembly.method_details       PISA 
_pdbx_struct_assembly.oligomeric_details   dimeric 
_pdbx_struct_assembly.oligomeric_count     2 
# 
loop_
_pdbx_struct_assembly_prop.biol_id 
_pdbx_struct_assembly_prop.type 
_pdbx_struct_assembly_prop.value 
_pdbx_struct_assembly_prop.details 
1 'ABSA (A^2)' 1540 ? 
1 MORE         -15  ? 
1 'SSA (A^2)'  5930 ? 
# 
_pdbx_struct_assembly_gen.assembly_id       1 
_pdbx_struct_assembly_gen.oper_expression   1,2 
_pdbx_struct_assembly_gen.asym_id_list      A,B,C,D 
# 
loop_
_pdbx_struct_oper_list.id 
_pdbx_struct_oper_list.type 
_pdbx_struct_oper_list.name 
_pdbx_struct_oper_list.symmetry_operation 
_pdbx_struct_oper_list.matrix[1][1] 
_pdbx_struct_oper_list.matrix[1][2] 
_pdbx_struct_oper_list.matrix[1][3] 
_pdbx_struct_oper_list.vector[1] 
_pdbx_struct_oper_list.matrix[2][1] 
_pdbx_struct_oper_list.matrix[2][2] 
_pdbx_struct_oper_list.matrix[2][3] 
_pdbx_struct_oper_list.vector[2] 
_pdbx_struct_oper_list.matrix[3][1] 
_pdbx_struct_oper_list.matrix[3][2] 
_pdbx_struct_oper_list.matrix[3][3] 
_pdbx_struct_oper_list.vector[3] 
1 'identity operation'         1_555 x,y,z         1.0000000000  0.0000000000 0.0000000000 0.0000000000 0.0000000000 1.0000000000  0.0000000000 0.0000000000  0.0000000000 0.0000000000 1.0000000000 0.0000000000  
2 'crystal symmetry operation' 5_556 x-y,-y,-z+5/3 -0.6277681763 0.0156796109 0.7782424215 3.0285053757 0.0156796109 -0.9993395240 0.0327820932 -9.4100457445 0.7782424215 0.0327820932 0.6271077003 -1.2589396265 
# 
loop_
_struct_conn.id 
_struct_conn.conn_type_id 
_struct_conn.pdbx_leaving_atom_flag 
_struct_conn.pdbx_PDB_id 
_struct_conn.ptnr1_label_asym_id 
_struct_conn.ptnr1_label_comp_id 
_struct_conn.ptnr1_label_seq_id 
_struct_conn.ptnr1_label_atom_id 
_struct_conn.pdbx_ptnr1_label_alt_id 
_struct_conn.pdbx_ptnr1_PDB_ins_code 
_struct_conn.pdbx_ptnr1_standard_comp_id 
_struct_conn.ptnr1_symmetry 
_struct_conn.ptnr2_label_asym_id 
_struct_conn.ptnr2_label_comp_id 
_struct_conn.ptnr2_label_seq_id 
_struct_conn.ptnr2_label_atom_id 
_struct_conn.pdbx_ptnr2_label_alt_id 
_struct_conn.pdbx_ptnr2_PDB_ins_code 
_struct_conn.ptnr1_auth_asym_id 
_struct_conn.ptnr1_auth_comp_id 
_struct_conn.ptnr1_auth_seq_id 
_struct_conn.ptnr2_auth_asym_id 
_struct_conn.ptnr2_auth_comp_id 
_struct_conn.ptnr2_auth_seq_id 
_struct_conn.ptnr2_symmetry 
_struct_conn.pdbx_ptnr3_label_atom_id 
_struct_conn.pdbx_ptnr3_label_seq_id 
_struct_conn.pdbx_ptnr3_label_comp_id 
_struct_conn.pdbx_ptnr3_label_asym_id 
_struct_conn.pdbx_ptnr3_label_alt_id 
_struct_conn.pdbx_ptnr3_PDB_ins_code 
_struct_conn.details 
_struct_conn.pdbx_dist_value 
_struct_conn.pdbx_value_order 
_struct_conn.pdbx_role 
metalc1  metalc ? ? B MG .  MG ? ? ? 1_555 D HOH .  O  ? ? A MG 101 A HOH 202 2_645 ? ? ? ? ? ? ?            2.460 ? ? 
hydrog1  hydrog ? ? A DG 1  N1 ? ? ? 1_555 A DG  11 N7 ? ? A DG 1   A DG  11  5_556 ? ? ? ? ? ? TYPE_7_PAIR  ?     ? ? 
hydrog2  hydrog ? ? A DG 1  N2 ? ? ? 1_555 A DG  11 O6 ? ? A DG 1   A DG  11  5_556 ? ? ? ? ? ? TYPE_7_PAIR  ?     ? ? 
hydrog3  hydrog ? ? A DA 3  N6 ? ? ? 1_555 A DG  10 N3 ? ? A DA 3   A DG  10  5_556 ? ? ? ? ? ? TYPE_11_PAIR ?     ? ? 
hydrog4  hydrog ? ? A DA 3  N7 ? ? ? 1_555 A DG  10 N2 ? ? A DA 3   A DG  10  5_556 ? ? ? ? ? ? TYPE_11_PAIR ?     ? ? 
hydrog5  hydrog ? ? A DA 4  N1 ? ? ? 1_555 A DT  9  N3 ? ? A DA 4   A DT  9   5_556 ? ? ? ? ? ? WATSON-CRICK ?     ? ? 
hydrog6  hydrog ? ? A DA 4  N6 ? ? ? 1_555 A DT  9  O4 ? ? A DA 4   A DT  9   5_556 ? ? ? ? ? ? WATSON-CRICK ?     ? ? 
hydrog7  hydrog ? ? A DA 5  N1 ? ? ? 1_555 A DT  8  N3 ? ? A DA 5   A DT  8   5_556 ? ? ? ? ? ? WATSON-CRICK ?     ? ? 
hydrog8  hydrog ? ? A DA 5  N6 ? ? ? 1_555 A DT  8  O4 ? ? A DA 5   A DT  8   5_556 ? ? ? ? ? ? WATSON-CRICK ?     ? ? 
hydrog9  hydrog ? ? A DG 6  N1 ? ? ? 1_555 A DC  7  N3 ? ? A DG 6   A DC  7   5_556 ? ? ? ? ? ? WATSON-CRICK ?     ? ? 
hydrog10 hydrog ? ? A DG 6  N2 ? ? ? 1_555 A DC  7  O2 ? ? A DG 6   A DC  7   5_556 ? ? ? ? ? ? WATSON-CRICK ?     ? ? 
hydrog11 hydrog ? ? A DG 6  O6 ? ? ? 1_555 A DC  7  N4 ? ? A DG 6   A DC  7   5_556 ? ? ? ? ? ? WATSON-CRICK ?     ? ? 
hydrog12 hydrog ? ? A DC 7  N3 ? ? ? 1_555 A DG  6  N1 ? ? A DC 7   A DG  6   5_556 ? ? ? ? ? ? WATSON-CRICK ?     ? ? 
hydrog13 hydrog ? ? A DC 7  N4 ? ? ? 1_555 A DG  6  O6 ? ? A DC 7   A DG  6   5_556 ? ? ? ? ? ? WATSON-CRICK ?     ? ? 
hydrog14 hydrog ? ? A DC 7  O2 ? ? ? 1_555 A DG  6  N2 ? ? A DC 7   A DG  6   5_556 ? ? ? ? ? ? WATSON-CRICK ?     ? ? 
hydrog15 hydrog ? ? A DT 8  N3 ? ? ? 1_555 A DA  5  N1 ? ? A DT 8   A DA  5   5_556 ? ? ? ? ? ? WATSON-CRICK ?     ? ? 
hydrog16 hydrog ? ? A DT 8  O4 ? ? ? 1_555 A DA  5  N6 ? ? A DT 8   A DA  5   5_556 ? ? ? ? ? ? WATSON-CRICK ?     ? ? 
hydrog17 hydrog ? ? A DT 9  N3 ? ? ? 1_555 A DA  4  N1 ? ? A DT 9   A DA  4   5_556 ? ? ? ? ? ? WATSON-CRICK ?     ? ? 
hydrog18 hydrog ? ? A DT 9  O4 ? ? ? 1_555 A DA  4  N6 ? ? A DT 9   A DA  4   5_556 ? ? ? ? ? ? WATSON-CRICK ?     ? ? 
hydrog19 hydrog ? ? A DG 10 N2 ? ? ? 1_555 A DA  3  N7 ? ? A DG 10  A DA  3   5_556 ? ? ? ? ? ? TYPE_11_PAIR ?     ? ? 
hydrog20 hydrog ? ? A DG 10 N3 ? ? ? 1_555 A DA  3  N6 ? ? A DG 10  A DA  3   5_556 ? ? ? ? ? ? TYPE_11_PAIR ?     ? ? 
hydrog21 hydrog ? ? A DG 11 N7 ? ? ? 1_555 A DG  1  N1 ? ? A DG 11  A DG  1   5_556 ? ? ? ? ? ? TYPE_7_PAIR  ?     ? ? 
hydrog22 hydrog ? ? A DG 11 O6 ? ? ? 1_555 A DG  1  N2 ? ? A DG 11  A DG  1   5_556 ? ? ? ? ? ? TYPE_7_PAIR  ?     ? ? 
# 
loop_
_struct_conn_type.id 
_struct_conn_type.criteria 
_struct_conn_type.reference 
metalc ? ? 
hydrog ? ? 
# 
_struct_site.id                   AC1 
_struct_site.pdbx_evidence_code   Software 
_struct_site.pdbx_auth_asym_id    A 
_struct_site.pdbx_auth_comp_id    MG 
_struct_site.pdbx_auth_seq_id     101 
_struct_site.pdbx_auth_ins_code   ? 
_struct_site.pdbx_num_residues    3 
_struct_site.details              'binding site for residue MG A 101' 
# 
loop_
_struct_site_gen.id 
_struct_site_gen.site_id 
_struct_site_gen.pdbx_num_res 
_struct_site_gen.label_comp_id 
_struct_site_gen.label_asym_id 
_struct_site_gen.label_seq_id 
_struct_site_gen.pdbx_auth_ins_code 
_struct_site_gen.auth_comp_id 
_struct_site_gen.auth_asym_id 
_struct_site_gen.auth_seq_id 
_struct_site_gen.label_atom_id 
_struct_site_gen.label_alt_id 
_struct_site_gen.symmetry 
_struct_site_gen.details 
1 AC1 3 DG  A 1  ? DG  A 1   . ? 1_555 ? 
2 AC1 3 DG  A 13 ? DG  A 13  . ? 5_546 ? 
3 AC1 3 HOH D .  ? HOH A 202 . ? 2_645 ? 
# 
loop_
_pdbx_validate_rmsd_angle.id 
_pdbx_validate_rmsd_angle.PDB_model_num 
_pdbx_validate_rmsd_angle.auth_atom_id_1 
_pdbx_validate_rmsd_angle.auth_asym_id_1 
_pdbx_validate_rmsd_angle.auth_comp_id_1 
_pdbx_validate_rmsd_angle.auth_seq_id_1 
_pdbx_validate_rmsd_angle.PDB_ins_code_1 
_pdbx_validate_rmsd_angle.label_alt_id_1 
_pdbx_validate_rmsd_angle.auth_atom_id_2 
_pdbx_validate_rmsd_angle.auth_asym_id_2 
_pdbx_validate_rmsd_angle.auth_comp_id_2 
_pdbx_validate_rmsd_angle.auth_seq_id_2 
_pdbx_validate_rmsd_angle.PDB_ins_code_2 
_pdbx_validate_rmsd_angle.label_alt_id_2 
_pdbx_validate_rmsd_angle.auth_atom_id_3 
_pdbx_validate_rmsd_angle.auth_asym_id_3 
_pdbx_validate_rmsd_angle.auth_comp_id_3 
_pdbx_validate_rmsd_angle.auth_seq_id_3 
_pdbx_validate_rmsd_angle.PDB_ins_code_3 
_pdbx_validate_rmsd_angle.label_alt_id_3 
_pdbx_validate_rmsd_angle.angle_value 
_pdbx_validate_rmsd_angle.angle_target_value 
_pdbx_validate_rmsd_angle.angle_deviation 
_pdbx_validate_rmsd_angle.angle_standard_deviation 
_pdbx_validate_rmsd_angle.linker_flag 
1 1 "O5'" A DA 14 ? ? P A DA 14 ? ? OP1 A DA 14 ? ? 93.63  105.70 -12.07 0.90 N 
2 1 "O5'" A DA 14 ? ? P A DA 14 ? ? OP2 A DA 14 ? ? 126.68 110.70 15.98  1.20 N 
# 
_pdbx_refine_tls.id               1 
_pdbx_refine_tls.pdbx_refine_id   'X-RAY DIFFRACTION' 
_pdbx_refine_tls.details          ? 
_pdbx_refine_tls.method           refined 
_pdbx_refine_tls.origin_x         0.1160 
_pdbx_refine_tls.origin_y         -0.3599 
_pdbx_refine_tls.origin_z         0.0046 
_pdbx_refine_tls.T[1][1]          0.3391 
_pdbx_refine_tls.T[1][1]_esd      ? 
_pdbx_refine_tls.T[1][2]          0.0916 
_pdbx_refine_tls.T[1][2]_esd      ? 
_pdbx_refine_tls.T[1][3]          -0.1453 
_pdbx_refine_tls.T[1][3]_esd      ? 
_pdbx_refine_tls.T[2][2]          0.3629 
_pdbx_refine_tls.T[2][2]_esd      ? 
_pdbx_refine_tls.T[2][3]          -0.0050 
_pdbx_refine_tls.T[2][3]_esd      ? 
_pdbx_refine_tls.T[3][3]          0.0960 
_pdbx_refine_tls.T[3][3]_esd      ? 
_pdbx_refine_tls.L[1][1]          6.6665 
_pdbx_refine_tls.L[1][1]_esd      ? 
_pdbx_refine_tls.L[1][2]          -6.7259 
_pdbx_refine_tls.L[1][2]_esd      ? 
_pdbx_refine_tls.L[1][3]          -2.1578 
_pdbx_refine_tls.L[1][3]_esd      ? 
_pdbx_refine_tls.L[2][2]          6.8542 
_pdbx_refine_tls.L[2][2]_esd      ? 
_pdbx_refine_tls.L[2][3]          2.1868 
_pdbx_refine_tls.L[2][3]_esd      ? 
_pdbx_refine_tls.L[3][3]          0.7039 
_pdbx_refine_tls.L[3][3]_esd      ? 
_pdbx_refine_tls.S[1][1]          0.1203 
_pdbx_refine_tls.S[1][1]_esd      ? 
_pdbx_refine_tls.S[1][2]          0.2722 
_pdbx_refine_tls.S[1][2]_esd      ? 
_pdbx_refine_tls.S[1][3]          -0.0220 
_pdbx_refine_tls.S[1][3]_esd      ? 
_pdbx_refine_tls.S[2][1]          -0.0236 
_pdbx_refine_tls.S[2][1]_esd      ? 
_pdbx_refine_tls.S[2][2]          -0.1336 
_pdbx_refine_tls.S[2][2]_esd      ? 
_pdbx_refine_tls.S[2][3]          -0.0074 
_pdbx_refine_tls.S[2][3]_esd      ? 
_pdbx_refine_tls.S[3][1]          -0.0219 
_pdbx_refine_tls.S[3][1]_esd      ? 
_pdbx_refine_tls.S[3][2]          -0.0705 
_pdbx_refine_tls.S[3][2]_esd      ? 
_pdbx_refine_tls.S[3][3]          0.0132 
_pdbx_refine_tls.S[3][3]_esd      ? 
# 
_pdbx_refine_tls_group.id                  1 
_pdbx_refine_tls_group.pdbx_refine_id      'X-RAY DIFFRACTION' 
_pdbx_refine_tls_group.refine_tls_id       1 
_pdbx_refine_tls_group.beg_label_asym_id   ? 
_pdbx_refine_tls_group.beg_label_seq_id    ? 
_pdbx_refine_tls_group.beg_auth_asym_id    A 
_pdbx_refine_tls_group.beg_auth_seq_id     1 
_pdbx_refine_tls_group.end_label_asym_id   ? 
_pdbx_refine_tls_group.end_label_seq_id    ? 
_pdbx_refine_tls_group.end_auth_asym_id    A 
_pdbx_refine_tls_group.end_auth_seq_id     14 
_pdbx_refine_tls_group.selection           ? 
_pdbx_refine_tls_group.selection_details   ? 
# 
loop_
_chem_comp_atom.comp_id 
_chem_comp_atom.atom_id 
_chem_comp_atom.type_symbol 
_chem_comp_atom.pdbx_aromatic_flag 
_chem_comp_atom.pdbx_stereo_config 
_chem_comp_atom.pdbx_ordinal 
DA  OP3    O  N N 1   
DA  P      P  N N 2   
DA  OP1    O  N N 3   
DA  OP2    O  N N 4   
DA  "O5'"  O  N N 5   
DA  "C5'"  C  N N 6   
DA  "C4'"  C  N R 7   
DA  "O4'"  O  N N 8   
DA  "C3'"  C  N S 9   
DA  "O3'"  O  N N 10  
DA  "C2'"  C  N N 11  
DA  "C1'"  C  N R 12  
DA  N9     N  Y N 13  
DA  C8     C  Y N 14  
DA  N7     N  Y N 15  
DA  C5     C  Y N 16  
DA  C6     C  Y N 17  
DA  N6     N  N N 18  
DA  N1     N  Y N 19  
DA  C2     C  Y N 20  
DA  N3     N  Y N 21  
DA  C4     C  Y N 22  
DA  HOP3   H  N N 23  
DA  HOP2   H  N N 24  
DA  "H5'"  H  N N 25  
DA  "H5''" H  N N 26  
DA  "H4'"  H  N N 27  
DA  "H3'"  H  N N 28  
DA  "HO3'" H  N N 29  
DA  "H2'"  H  N N 30  
DA  "H2''" H  N N 31  
DA  "H1'"  H  N N 32  
DA  H8     H  N N 33  
DA  H61    H  N N 34  
DA  H62    H  N N 35  
DA  H2     H  N N 36  
DC  OP3    O  N N 37  
DC  P      P  N N 38  
DC  OP1    O  N N 39  
DC  OP2    O  N N 40  
DC  "O5'"  O  N N 41  
DC  "C5'"  C  N N 42  
DC  "C4'"  C  N R 43  
DC  "O4'"  O  N N 44  
DC  "C3'"  C  N S 45  
DC  "O3'"  O  N N 46  
DC  "C2'"  C  N N 47  
DC  "C1'"  C  N R 48  
DC  N1     N  N N 49  
DC  C2     C  N N 50  
DC  O2     O  N N 51  
DC  N3     N  N N 52  
DC  C4     C  N N 53  
DC  N4     N  N N 54  
DC  C5     C  N N 55  
DC  C6     C  N N 56  
DC  HOP3   H  N N 57  
DC  HOP2   H  N N 58  
DC  "H5'"  H  N N 59  
DC  "H5''" H  N N 60  
DC  "H4'"  H  N N 61  
DC  "H3'"  H  N N 62  
DC  "HO3'" H  N N 63  
DC  "H2'"  H  N N 64  
DC  "H2''" H  N N 65  
DC  "H1'"  H  N N 66  
DC  H41    H  N N 67  
DC  H42    H  N N 68  
DC  H5     H  N N 69  
DC  H6     H  N N 70  
DG  OP3    O  N N 71  
DG  P      P  N N 72  
DG  OP1    O  N N 73  
DG  OP2    O  N N 74  
DG  "O5'"  O  N N 75  
DG  "C5'"  C  N N 76  
DG  "C4'"  C  N R 77  
DG  "O4'"  O  N N 78  
DG  "C3'"  C  N S 79  
DG  "O3'"  O  N N 80  
DG  "C2'"  C  N N 81  
DG  "C1'"  C  N R 82  
DG  N9     N  Y N 83  
DG  C8     C  Y N 84  
DG  N7     N  Y N 85  
DG  C5     C  Y N 86  
DG  C6     C  N N 87  
DG  O6     O  N N 88  
DG  N1     N  N N 89  
DG  C2     C  N N 90  
DG  N2     N  N N 91  
DG  N3     N  N N 92  
DG  C4     C  Y N 93  
DG  HOP3   H  N N 94  
DG  HOP2   H  N N 95  
DG  "H5'"  H  N N 96  
DG  "H5''" H  N N 97  
DG  "H4'"  H  N N 98  
DG  "H3'"  H  N N 99  
DG  "HO3'" H  N N 100 
DG  "H2'"  H  N N 101 
DG  "H2''" H  N N 102 
DG  "H1'"  H  N N 103 
DG  H8     H  N N 104 
DG  H1     H  N N 105 
DG  H21    H  N N 106 
DG  H22    H  N N 107 
DT  OP3    O  N N 108 
DT  P      P  N N 109 
DT  OP1    O  N N 110 
DT  OP2    O  N N 111 
DT  "O5'"  O  N N 112 
DT  "C5'"  C  N N 113 
DT  "C4'"  C  N R 114 
DT  "O4'"  O  N N 115 
DT  "C3'"  C  N S 116 
DT  "O3'"  O  N N 117 
DT  "C2'"  C  N N 118 
DT  "C1'"  C  N R 119 
DT  N1     N  N N 120 
DT  C2     C  N N 121 
DT  O2     O  N N 122 
DT  N3     N  N N 123 
DT  C4     C  N N 124 
DT  O4     O  N N 125 
DT  C5     C  N N 126 
DT  C7     C  N N 127 
DT  C6     C  N N 128 
DT  HOP3   H  N N 129 
DT  HOP2   H  N N 130 
DT  "H5'"  H  N N 131 
DT  "H5''" H  N N 132 
DT  "H4'"  H  N N 133 
DT  "H3'"  H  N N 134 
DT  "HO3'" H  N N 135 
DT  "H2'"  H  N N 136 
DT  "H2''" H  N N 137 
DT  "H1'"  H  N N 138 
DT  H3     H  N N 139 
DT  H71    H  N N 140 
DT  H72    H  N N 141 
DT  H73    H  N N 142 
DT  H6     H  N N 143 
HOH O      O  N N 144 
HOH H1     H  N N 145 
HOH H2     H  N N 146 
MG  MG     MG N N 147 
# 
loop_
_chem_comp_bond.comp_id 
_chem_comp_bond.atom_id_1 
_chem_comp_bond.atom_id_2 
_chem_comp_bond.value_order 
_chem_comp_bond.pdbx_aromatic_flag 
_chem_comp_bond.pdbx_stereo_config 
_chem_comp_bond.pdbx_ordinal 
DA  OP3   P      sing N N 1   
DA  OP3   HOP3   sing N N 2   
DA  P     OP1    doub N N 3   
DA  P     OP2    sing N N 4   
DA  P     "O5'"  sing N N 5   
DA  OP2   HOP2   sing N N 6   
DA  "O5'" "C5'"  sing N N 7   
DA  "C5'" "C4'"  sing N N 8   
DA  "C5'" "H5'"  sing N N 9   
DA  "C5'" "H5''" sing N N 10  
DA  "C4'" "O4'"  sing N N 11  
DA  "C4'" "C3'"  sing N N 12  
DA  "C4'" "H4'"  sing N N 13  
DA  "O4'" "C1'"  sing N N 14  
DA  "C3'" "O3'"  sing N N 15  
DA  "C3'" "C2'"  sing N N 16  
DA  "C3'" "H3'"  sing N N 17  
DA  "O3'" "HO3'" sing N N 18  
DA  "C2'" "C1'"  sing N N 19  
DA  "C2'" "H2'"  sing N N 20  
DA  "C2'" "H2''" sing N N 21  
DA  "C1'" N9     sing N N 22  
DA  "C1'" "H1'"  sing N N 23  
DA  N9    C8     sing Y N 24  
DA  N9    C4     sing Y N 25  
DA  C8    N7     doub Y N 26  
DA  C8    H8     sing N N 27  
DA  N7    C5     sing Y N 28  
DA  C5    C6     sing Y N 29  
DA  C5    C4     doub Y N 30  
DA  C6    N6     sing N N 31  
DA  C6    N1     doub Y N 32  
DA  N6    H61    sing N N 33  
DA  N6    H62    sing N N 34  
DA  N1    C2     sing Y N 35  
DA  C2    N3     doub Y N 36  
DA  C2    H2     sing N N 37  
DA  N3    C4     sing Y N 38  
DC  OP3   P      sing N N 39  
DC  OP3   HOP3   sing N N 40  
DC  P     OP1    doub N N 41  
DC  P     OP2    sing N N 42  
DC  P     "O5'"  sing N N 43  
DC  OP2   HOP2   sing N N 44  
DC  "O5'" "C5'"  sing N N 45  
DC  "C5'" "C4'"  sing N N 46  
DC  "C5'" "H5'"  sing N N 47  
DC  "C5'" "H5''" sing N N 48  
DC  "C4'" "O4'"  sing N N 49  
DC  "C4'" "C3'"  sing N N 50  
DC  "C4'" "H4'"  sing N N 51  
DC  "O4'" "C1'"  sing N N 52  
DC  "C3'" "O3'"  sing N N 53  
DC  "C3'" "C2'"  sing N N 54  
DC  "C3'" "H3'"  sing N N 55  
DC  "O3'" "HO3'" sing N N 56  
DC  "C2'" "C1'"  sing N N 57  
DC  "C2'" "H2'"  sing N N 58  
DC  "C2'" "H2''" sing N N 59  
DC  "C1'" N1     sing N N 60  
DC  "C1'" "H1'"  sing N N 61  
DC  N1    C2     sing N N 62  
DC  N1    C6     sing N N 63  
DC  C2    O2     doub N N 64  
DC  C2    N3     sing N N 65  
DC  N3    C4     doub N N 66  
DC  C4    N4     sing N N 67  
DC  C4    C5     sing N N 68  
DC  N4    H41    sing N N 69  
DC  N4    H42    sing N N 70  
DC  C5    C6     doub N N 71  
DC  C5    H5     sing N N 72  
DC  C6    H6     sing N N 73  
DG  OP3   P      sing N N 74  
DG  OP3   HOP3   sing N N 75  
DG  P     OP1    doub N N 76  
DG  P     OP2    sing N N 77  
DG  P     "O5'"  sing N N 78  
DG  OP2   HOP2   sing N N 79  
DG  "O5'" "C5'"  sing N N 80  
DG  "C5'" "C4'"  sing N N 81  
DG  "C5'" "H5'"  sing N N 82  
DG  "C5'" "H5''" sing N N 83  
DG  "C4'" "O4'"  sing N N 84  
DG  "C4'" "C3'"  sing N N 85  
DG  "C4'" "H4'"  sing N N 86  
DG  "O4'" "C1'"  sing N N 87  
DG  "C3'" "O3'"  sing N N 88  
DG  "C3'" "C2'"  sing N N 89  
DG  "C3'" "H3'"  sing N N 90  
DG  "O3'" "HO3'" sing N N 91  
DG  "C2'" "C1'"  sing N N 92  
DG  "C2'" "H2'"  sing N N 93  
DG  "C2'" "H2''" sing N N 94  
DG  "C1'" N9     sing N N 95  
DG  "C1'" "H1'"  sing N N 96  
DG  N9    C8     sing Y N 97  
DG  N9    C4     sing Y N 98  
DG  C8    N7     doub Y N 99  
DG  C8    H8     sing N N 100 
DG  N7    C5     sing Y N 101 
DG  C5    C6     sing N N 102 
DG  C5    C4     doub Y N 103 
DG  C6    O6     doub N N 104 
DG  C6    N1     sing N N 105 
DG  N1    C2     sing N N 106 
DG  N1    H1     sing N N 107 
DG  C2    N2     sing N N 108 
DG  C2    N3     doub N N 109 
DG  N2    H21    sing N N 110 
DG  N2    H22    sing N N 111 
DG  N3    C4     sing N N 112 
DT  OP3   P      sing N N 113 
DT  OP3   HOP3   sing N N 114 
DT  P     OP1    doub N N 115 
DT  P     OP2    sing N N 116 
DT  P     "O5'"  sing N N 117 
DT  OP2   HOP2   sing N N 118 
DT  "O5'" "C5'"  sing N N 119 
DT  "C5'" "C4'"  sing N N 120 
DT  "C5'" "H5'"  sing N N 121 
DT  "C5'" "H5''" sing N N 122 
DT  "C4'" "O4'"  sing N N 123 
DT  "C4'" "C3'"  sing N N 124 
DT  "C4'" "H4'"  sing N N 125 
DT  "O4'" "C1'"  sing N N 126 
DT  "C3'" "O3'"  sing N N 127 
DT  "C3'" "C2'"  sing N N 128 
DT  "C3'" "H3'"  sing N N 129 
DT  "O3'" "HO3'" sing N N 130 
DT  "C2'" "C1'"  sing N N 131 
DT  "C2'" "H2'"  sing N N 132 
DT  "C2'" "H2''" sing N N 133 
DT  "C1'" N1     sing N N 134 
DT  "C1'" "H1'"  sing N N 135 
DT  N1    C2     sing N N 136 
DT  N1    C6     sing N N 137 
DT  C2    O2     doub N N 138 
DT  C2    N3     sing N N 139 
DT  N3    C4     sing N N 140 
DT  N3    H3     sing N N 141 
DT  C4    O4     doub N N 142 
DT  C4    C5     sing N N 143 
DT  C5    C7     sing N N 144 
DT  C5    C6     doub N N 145 
DT  C7    H71    sing N N 146 
DT  C7    H72    sing N N 147 
DT  C7    H73    sing N N 148 
DT  C6    H6     sing N N 149 
HOH O     H1     sing N N 150 
HOH O     H2     sing N N 151 
# 
loop_
_ndb_struct_conf_na.entry_id 
_ndb_struct_conf_na.feature 
5BXW 'double helix'         
5BXW 'b-form double helix'  
5BXW 'mismatched base pair' 
# 
loop_
_ndb_struct_na_base_pair.model_number 
_ndb_struct_na_base_pair.i_label_asym_id 
_ndb_struct_na_base_pair.i_label_comp_id 
_ndb_struct_na_base_pair.i_label_seq_id 
_ndb_struct_na_base_pair.i_symmetry 
_ndb_struct_na_base_pair.j_label_asym_id 
_ndb_struct_na_base_pair.j_label_comp_id 
_ndb_struct_na_base_pair.j_label_seq_id 
_ndb_struct_na_base_pair.j_symmetry 
_ndb_struct_na_base_pair.shear 
_ndb_struct_na_base_pair.stretch 
_ndb_struct_na_base_pair.stagger 
_ndb_struct_na_base_pair.buckle 
_ndb_struct_na_base_pair.propeller 
_ndb_struct_na_base_pair.opening 
_ndb_struct_na_base_pair.pair_number 
_ndb_struct_na_base_pair.pair_name 
_ndb_struct_na_base_pair.i_auth_asym_id 
_ndb_struct_na_base_pair.i_auth_seq_id 
_ndb_struct_na_base_pair.i_PDB_ins_code 
_ndb_struct_na_base_pair.j_auth_asym_id 
_ndb_struct_na_base_pair.j_auth_seq_id 
_ndb_struct_na_base_pair.j_PDB_ins_code 
_ndb_struct_na_base_pair.hbond_type_28 
_ndb_struct_na_base_pair.hbond_type_12 
1 A DG 1  1_555 A DG 11 5_556 5.874  -0.390 -0.093 31.526  0.081  -107.781 1  A_DG1:DG11_A A 1  ? A 11 ? 7  4 
1 A DG 1  1_555 A DG 11 1_555 5.874  -0.390 -0.093 31.526  0.081  -107.781 2  A_DG1:DG11_A A 1  ? A 11 ? 7  4 
1 A DA 3  1_555 A DG 10 5_556 -6.794 -4.404 0.567  -23.036 -4.362 3.990    3  A_DA3:DG10_A A 3  ? A 10 ? 11 9 
1 A DA 4  1_555 A DT 9  5_556 0.077  -0.068 -0.110 1.836   2.378  1.145    4  A_DA4:DT9_A  A 4  ? A 9  ? 20 1 
1 A DA 5  1_555 A DT 8  5_556 0.207  -0.016 0.210  11.242  -8.585 -0.310   5  A_DA5:DT8_A  A 5  ? A 8  ? 20 1 
1 A DG 6  1_555 A DC 7  5_556 -0.254 0.063  0.180  6.693   -9.951 0.966    6  A_DG6:DC7_A  A 6  ? A 7  ? 19 1 
1 A DC 7  1_555 A DG 6  5_556 0.254  0.063  0.180  -6.693  -9.951 0.966    7  A_DC7:DG6_A  A 7  ? A 6  ? 19 1 
1 A DT 8  1_555 A DA 5  5_556 -0.207 -0.016 0.210  -11.242 -8.585 -0.310   8  A_DT8:DA5_A  A 8  ? A 5  ? 20 1 
1 A DT 9  1_555 A DA 4  5_556 -0.077 -0.068 -0.110 -1.836  2.378  1.145    9  A_DT9:DA4_A  A 9  ? A 4  ? 20 1 
1 A DG 10 1_555 A DA 3  5_556 6.794  -4.404 0.567  23.036  -4.362 3.990    10 A_DG10:DA3_A A 10 ? A 3  ? 11 9 
# 
loop_
_ndb_struct_na_base_pair_step.model_number 
_ndb_struct_na_base_pair_step.i_label_asym_id_1 
_ndb_struct_na_base_pair_step.i_label_comp_id_1 
_ndb_struct_na_base_pair_step.i_label_seq_id_1 
_ndb_struct_na_base_pair_step.i_symmetry_1 
_ndb_struct_na_base_pair_step.j_label_asym_id_1 
_ndb_struct_na_base_pair_step.j_label_comp_id_1 
_ndb_struct_na_base_pair_step.j_label_seq_id_1 
_ndb_struct_na_base_pair_step.j_symmetry_1 
_ndb_struct_na_base_pair_step.i_label_asym_id_2 
_ndb_struct_na_base_pair_step.i_label_comp_id_2 
_ndb_struct_na_base_pair_step.i_label_seq_id_2 
_ndb_struct_na_base_pair_step.i_symmetry_2 
_ndb_struct_na_base_pair_step.j_label_asym_id_2 
_ndb_struct_na_base_pair_step.j_label_comp_id_2 
_ndb_struct_na_base_pair_step.j_label_seq_id_2 
_ndb_struct_na_base_pair_step.j_symmetry_2 
_ndb_struct_na_base_pair_step.shift 
_ndb_struct_na_base_pair_step.slide 
_ndb_struct_na_base_pair_step.rise 
_ndb_struct_na_base_pair_step.tilt 
_ndb_struct_na_base_pair_step.roll 
_ndb_struct_na_base_pair_step.twist 
_ndb_struct_na_base_pair_step.x_displacement 
_ndb_struct_na_base_pair_step.y_displacement 
_ndb_struct_na_base_pair_step.helical_rise 
_ndb_struct_na_base_pair_step.inclination 
_ndb_struct_na_base_pair_step.tip 
_ndb_struct_na_base_pair_step.helical_twist 
_ndb_struct_na_base_pair_step.step_number 
_ndb_struct_na_base_pair_step.step_name 
_ndb_struct_na_base_pair_step.i_auth_asym_id_1 
_ndb_struct_na_base_pair_step.i_auth_seq_id_1 
_ndb_struct_na_base_pair_step.i_PDB_ins_code_1 
_ndb_struct_na_base_pair_step.j_auth_asym_id_1 
_ndb_struct_na_base_pair_step.j_auth_seq_id_1 
_ndb_struct_na_base_pair_step.j_PDB_ins_code_1 
_ndb_struct_na_base_pair_step.i_auth_asym_id_2 
_ndb_struct_na_base_pair_step.i_auth_seq_id_2 
_ndb_struct_na_base_pair_step.i_PDB_ins_code_2 
_ndb_struct_na_base_pair_step.j_auth_asym_id_2 
_ndb_struct_na_base_pair_step.j_auth_seq_id_2 
_ndb_struct_na_base_pair_step.j_PDB_ins_code_2 
1 A DA 3 1_555 A DG 10 5_556 A DA 4  1_555 A DT 9 5_556 -0.605 1.860  2.977 0.890  3.910 60.335 1.671  0.641  3.073 3.886 -0.885 
60.455 1 AA_DA3DA4:DT9DG10_AA A 3 ? A 10 ? A 4  ? A 9 ? 
1 A DA 4 1_555 A DT 9  5_556 A DA 5  1_555 A DT 8 5_556 -0.607 0.322  3.198 -3.552 3.063 32.431 0.047  0.469  3.260 5.449 6.319  
32.759 2 AA_DA4DA5:DT8DT9_AA  A 4 ? A 9  ? A 5  ? A 8 ? 
1 A DA 5 1_555 A DT 8  5_556 A DG 6  1_555 A DC 7 5_556 -0.271 -0.271 3.407 -1.924 2.466 34.402 -0.854 0.146  3.390 4.158 3.244  
34.539 3 AA_DA5DG6:DC7DT8_AA  A 5 ? A 8  ? A 6  ? A 7 ? 
1 A DG 6 1_555 A DC 7  5_556 A DC 7  1_555 A DG 6 5_556 0.000  -0.499 3.545 0.000  1.504 39.570 -0.927 0.000  3.525 2.220 0.000  
39.597 4 AA_DG6DC7:DG6DC7_AA  A 6 ? A 7  ? A 7  ? A 6 ? 
1 A DC 7 1_555 A DG 6  5_556 A DT 8  1_555 A DA 5 5_556 0.271  -0.271 3.407 1.924  2.466 34.402 -0.854 -0.146 3.390 4.158 -3.244 
34.539 5 AA_DC7DT8:DA5DG6_AA  A 7 ? A 6  ? A 8  ? A 5 ? 
1 A DT 8 1_555 A DA 5  5_556 A DT 9  1_555 A DA 4 5_556 0.607  0.322  3.198 3.552  3.063 32.431 0.047  -0.469 3.260 5.449 -6.319 
32.759 6 AA_DT8DT9:DA4DA5_AA  A 8 ? A 5  ? A 9  ? A 4 ? 
1 A DT 9 1_555 A DA 4  5_556 A DG 10 1_555 A DA 3 5_556 0.605  1.860  2.977 -0.890 3.910 60.335 1.671  -0.641 3.073 3.886 0.885  
60.455 7 AA_DT9DG10:DA3DA4_AA A 9 ? A 4  ? A 10 ? A 3 ? 
# 
_atom_sites.entry_id                    5BXW 
_atom_sites.fract_transf_matrix[1][1]   0.00590446 
_atom_sites.fract_transf_matrix[1][2]   -0.01806841 
_atom_sites.fract_transf_matrix[1][3]   0.04046698 
_atom_sites.fract_transf_matrix[2][1]   -0.02159824 
_atom_sites.fract_transf_matrix[2][2]   -0.03754323 
_atom_sites.fract_transf_matrix[2][3]   0.01108679 
_atom_sites.fract_transf_matrix[3][1]   0.00619055 
_atom_sites.fract_transf_matrix[3][2]   -0.00440951 
_atom_sites.fract_transf_matrix[3][3]   -0.00287209 
_atom_sites.fract_transf_vector[1]      0.993014 
_atom_sites.fract_transf_vector[2]      -0.136958 
_atom_sites.fract_transf_vector[3]      0.801425 
# 
loop_
_atom_type.symbol 
C  
MG 
N  
O  
P  
# 
loop_
_atom_site.group_PDB 
_atom_site.id 
_atom_site.type_symbol 
_atom_site.label_atom_id 
_atom_site.label_alt_id 
_atom_site.label_comp_id 
_atom_site.label_asym_id 
_atom_site.label_entity_id 
_atom_site.label_seq_id 
_atom_site.pdbx_PDB_ins_code 
_atom_site.Cartn_x 
_atom_site.Cartn_y 
_atom_site.Cartn_z 
_atom_site.occupancy 
_atom_site.B_iso_or_equiv 
_atom_site.pdbx_formal_charge 
_atom_site.auth_seq_id 
_atom_site.auth_comp_id 
_atom_site.auth_asym_id 
_atom_site.auth_atom_id 
_atom_site.pdbx_PDB_model_num 
ATOM   1   O  "O5'" . DG  A 1 1  ? 20.263  -13.797 -5.410  1.00 58.78 ? 1   DG  A "O5'" 1 
ATOM   2   C  "C5'" . DG  A 1 1  ? 20.533  -13.394 -6.780  1.00 57.09 ? 1   DG  A "C5'" 1 
ATOM   3   C  "C4'" . DG  A 1 1  ? 19.284  -13.149 -7.599  1.00 57.58 ? 1   DG  A "C4'" 1 
ATOM   4   O  "O4'" . DG  A 1 1  ? 18.334  -14.247 -7.543  1.00 54.14 ? 1   DG  A "O4'" 1 
ATOM   5   C  "C3'" . DG  A 1 1  ? 18.490  -11.914 -7.212  1.00 57.35 ? 1   DG  A "C3'" 1 
ATOM   6   O  "O3'" . DG  A 1 1  ? 17.976  -11.426 -8.448  1.00 60.25 ? 1   DG  A "O3'" 1 
ATOM   7   C  "C2'" . DG  A 1 1  ? 17.418  -12.492 -6.296  1.00 54.60 ? 1   DG  A "C2'" 1 
ATOM   8   C  "C1'" . DG  A 1 1  ? 17.089  -13.797 -7.005  1.00 52.36 ? 1   DG  A "C1'" 1 
ATOM   9   N  N9    . DG  A 1 1  ? 16.559  -14.861 -6.152  1.00 48.30 ? 1   DG  A N9    1 
ATOM   10  C  C8    . DG  A 1 1  ? 16.981  -15.169 -4.885  1.00 47.94 ? 1   DG  A C8    1 
ATOM   11  N  N7    . DG  A 1 1  ? 16.361  -16.198 -4.374  1.00 45.73 ? 1   DG  A N7    1 
ATOM   12  C  C5    . DG  A 1 1  ? 15.521  -16.630 -5.384  1.00 45.25 ? 1   DG  A C5    1 
ATOM   13  C  C6    . DG  A 1 1  ? 14.598  -17.705 -5.409  1.00 45.75 ? 1   DG  A C6    1 
ATOM   14  O  O6    . DG  A 1 1  ? 14.351  -18.536 -4.516  1.00 46.08 ? 1   DG  A O6    1 
ATOM   15  N  N1    . DG  A 1 1  ? 13.934  -17.774 -6.626  1.00 45.13 ? 1   DG  A N1    1 
ATOM   16  C  C2    . DG  A 1 1  ? 14.163  -16.944 -7.695  1.00 46.64 ? 1   DG  A C2    1 
ATOM   17  N  N2    . DG  A 1 1  ? 13.458  -17.186 -8.786  1.00 46.46 ? 1   DG  A N2    1 
ATOM   18  N  N3    . DG  A 1 1  ? 14.989  -15.915 -7.668  1.00 48.03 ? 1   DG  A N3    1 
ATOM   19  C  C4    . DG  A 1 1  ? 15.626  -15.813 -6.488  1.00 46.41 ? 1   DG  A C4    1 
ATOM   20  P  P     . DG  A 1 2  ? 17.338  -9.932  -8.550  1.00 64.21 ? 2   DG  A P     1 
ATOM   21  O  OP1   . DG  A 1 2  ? 17.533  -9.477  -9.938  1.00 67.40 ? 2   DG  A OP1   1 
ATOM   22  O  OP2   . DG  A 1 2  ? 17.859  -9.152  -7.392  1.00 62.57 ? 2   DG  A OP2   1 
ATOM   23  O  "O5'" . DG  A 1 2  ? 15.773  -10.122 -8.282  1.00 59.17 ? 2   DG  A "O5'" 1 
ATOM   24  C  "C5'" . DG  A 1 2  ? 14.896  -10.822 -9.191  1.00 57.64 ? 2   DG  A "C5'" 1 
ATOM   25  C  "C4'" . DG  A 1 2  ? 13.603  -11.201 -8.496  1.00 54.80 ? 2   DG  A "C4'" 1 
ATOM   26  O  "O4'" . DG  A 1 2  ? 13.823  -12.050 -7.337  1.00 51.07 ? 2   DG  A "O4'" 1 
ATOM   27  C  "C3'" . DG  A 1 2  ? 12.781  -10.033 -7.965  1.00 54.81 ? 2   DG  A "C3'" 1 
ATOM   28  O  "O3'" . DG  A 1 2  ? 11.394  -10.329 -8.101  1.00 56.58 ? 2   DG  A "O3'" 1 
ATOM   29  C  "C2'" . DG  A 1 2  ? 13.141  -9.992  -6.490  1.00 52.09 ? 2   DG  A "C2'" 1 
ATOM   30  C  "C1'" . DG  A 1 2  ? 13.184  -11.462 -6.203  1.00 49.76 ? 2   DG  A "C1'" 1 
ATOM   31  N  N9    . DG  A 1 2  ? 13.914  -11.887 -5.021  1.00 47.05 ? 2   DG  A N9    1 
ATOM   32  C  C8    . DG  A 1 2  ? 14.975  -11.293 -4.375  1.00 47.87 ? 2   DG  A C8    1 
ATOM   33  N  N7    . DG  A 1 2  ? 15.419  -12.000 -3.372  1.00 47.47 ? 2   DG  A N7    1 
ATOM   34  C  C5    . DG  A 1 2  ? 14.607  -13.127 -3.361  1.00 46.08 ? 2   DG  A C5    1 
ATOM   35  C  C6    . DG  A 1 2  ? 14.623  -14.264 -2.521  1.00 44.67 ? 2   DG  A C6    1 
ATOM   36  O  O6    . DG  A 1 2  ? 15.367  -14.504 -1.558  1.00 44.58 ? 2   DG  A O6    1 
ATOM   37  N  N1    . DG  A 1 2  ? 13.630  -15.176 -2.875  1.00 43.14 ? 2   DG  A N1    1 
ATOM   38  C  C2    . DG  A 1 2  ? 12.733  -15.005 -3.902  1.00 44.70 ? 2   DG  A C2    1 
ATOM   39  N  N2    . DG  A 1 2  ? 11.834  -15.978 -4.086  1.00 44.48 ? 2   DG  A N2    1 
ATOM   40  N  N3    . DG  A 1 2  ? 12.714  -13.955 -4.692  1.00 45.12 ? 2   DG  A N3    1 
ATOM   41  C  C4    . DG  A 1 2  ? 13.670  -13.063 -4.369  1.00 45.48 ? 2   DG  A C4    1 
ATOM   42  P  P     . DA  A 1 3  ? 10.589  -9.574  -9.206  1.00 62.84 ? 3   DA  A P     1 
ATOM   43  O  OP1   . DA  A 1 3  ? 11.469  -9.516  -10.404 1.00 64.28 ? 3   DA  A OP1   1 
ATOM   44  O  OP2   . DA  A 1 3  ? 10.121  -8.314  -8.588  1.00 62.67 ? 3   DA  A OP2   1 
ATOM   45  O  "O5'" . DA  A 1 3  ? 9.336   -10.530 -9.475  1.00 59.46 ? 3   DA  A "O5'" 1 
ATOM   46  C  "C5'" . DA  A 1 3  ? 9.486   -11.699 -10.317 1.00 60.81 ? 3   DA  A "C5'" 1 
ATOM   47  C  "C4'" . DA  A 1 3  ? 8.340   -12.653 -10.084 1.00 60.40 ? 3   DA  A "C4'" 1 
ATOM   48  O  "O4'" . DA  A 1 3  ? 8.535   -13.306 -8.808  1.00 59.43 ? 3   DA  A "O4'" 1 
ATOM   49  C  "C3'" . DA  A 1 3  ? 6.989   -11.962 -9.961  1.00 63.21 ? 3   DA  A "C3'" 1 
ATOM   50  O  "O3'" . DA  A 1 3  ? 5.983   -12.837 -10.473 1.00 67.64 ? 3   DA  A "O3'" 1 
ATOM   51  C  "C2'" . DA  A 1 3  ? 6.873   -11.729 -8.464  1.00 58.58 ? 3   DA  A "C2'" 1 
ATOM   52  C  "C1'" . DA  A 1 3  ? 7.454   -13.017 -7.941  1.00 56.75 ? 3   DA  A "C1'" 1 
ATOM   53  N  N9    . DA  A 1 3  ? 7.991   -12.956 -6.585  1.00 52.88 ? 3   DA  A N9    1 
ATOM   54  C  C8    . DA  A 1 3  ? 9.027   -12.171 -6.149  1.00 49.02 ? 3   DA  A C8    1 
ATOM   55  N  N7    . DA  A 1 3  ? 9.330   -12.350 -4.888  1.00 48.15 ? 3   DA  A N7    1 
ATOM   56  C  C5    . DA  A 1 3  ? 8.422   -13.307 -4.459  1.00 48.96 ? 3   DA  A C5    1 
ATOM   57  C  C6    . DA  A 1 3  ? 8.236   -13.936 -3.224  1.00 48.84 ? 3   DA  A C6    1 
ATOM   58  N  N6    . DA  A 1 3  ? 8.953   -13.647 -2.142  1.00 51.12 ? 3   DA  A N6    1 
ATOM   59  N  N1    . DA  A 1 3  ? 7.251   -14.851 -3.122  1.00 49.57 ? 3   DA  A N1    1 
ATOM   60  C  C2    . DA  A 1 3  ? 6.528   -15.134 -4.212  1.00 52.15 ? 3   DA  A C2    1 
ATOM   61  N  N3    . DA  A 1 3  ? 6.624   -14.624 -5.439  1.00 51.70 ? 3   DA  A N3    1 
ATOM   62  C  C4    . DA  A 1 3  ? 7.611   -13.713 -5.499  1.00 51.33 ? 3   DA  A C4    1 
ATOM   63  P  P     . DA  A 1 4  ? 4.543   -12.257 -10.865 1.00 73.81 ? 4   DA  A P     1 
ATOM   64  O  OP1   . DA  A 1 4  ? 3.983   -13.163 -11.871 1.00 76.85 ? 4   DA  A OP1   1 
ATOM   65  O  OP2   . DA  A 1 4  ? 4.704   -10.811 -11.189 1.00 74.97 ? 4   DA  A OP2   1 
ATOM   66  O  "O5'" . DA  A 1 4  ? 3.724   -12.326 -9.489  1.00 72.78 ? 4   DA  A "O5'" 1 
ATOM   67  C  "C5'" . DA  A 1 4  ? 3.396   -13.576 -8.843  1.00 71.70 ? 4   DA  A "C5'" 1 
ATOM   68  C  "C4'" . DA  A 1 4  ? 2.881   -13.331 -7.440  1.00 69.41 ? 4   DA  A "C4'" 1 
ATOM   69  O  "O4'" . DA  A 1 4  ? 3.933   -12.817 -6.581  1.00 64.31 ? 4   DA  A "O4'" 1 
ATOM   70  C  "C3'" . DA  A 1 4  ? 1.731   -12.327 -7.321  1.00 71.89 ? 4   DA  A "C3'" 1 
ATOM   71  O  "O3'" . DA  A 1 4  ? 0.926   -12.614 -6.181  1.00 76.51 ? 4   DA  A "O3'" 1 
ATOM   72  C  "C2'" . DA  A 1 4  ? 2.416   -11.059 -6.853  1.00 66.11 ? 4   DA  A "C2'" 1 
ATOM   73  C  "C1'" . DA  A 1 4  ? 3.465   -11.645 -5.926  1.00 61.67 ? 4   DA  A "C1'" 1 
ATOM   74  N  N9    . DA  A 1 4  ? 4.604   -10.771 -5.680  1.00 55.12 ? 4   DA  A N9    1 
ATOM   75  C  C8    . DA  A 1 4  ? 5.111   -9.775  -6.479  1.00 55.06 ? 4   DA  A C8    1 
ATOM   76  N  N7    . DA  A 1 4  ? 6.153   -9.167  -5.967  1.00 55.28 ? 4   DA  A N7    1 
ATOM   77  C  C5    . DA  A 1 4  ? 6.361   -9.819  -4.760  1.00 52.11 ? 4   DA  A C5    1 
ATOM   78  C  C6    . DA  A 1 4  ? 7.296   -9.633  -3.743  1.00 50.48 ? 4   DA  A C6    1 
ATOM   79  N  N6    . DA  A 1 4  ? 8.276   -8.729  -3.799  1.00 51.75 ? 4   DA  A N6    1 
ATOM   80  N  N1    . DA  A 1 4  ? 7.223   -10.443 -2.664  1.00 50.94 ? 4   DA  A N1    1 
ATOM   81  C  C2    . DA  A 1 4  ? 6.251   -11.365 -2.619  1.00 52.07 ? 4   DA  A C2    1 
ATOM   82  N  N3    . DA  A 1 4  ? 5.308   -11.635 -3.518  1.00 51.43 ? 4   DA  A N3    1 
ATOM   83  C  C4    . DA  A 1 4  ? 5.403   -10.800 -4.562  1.00 53.50 ? 4   DA  A C4    1 
ATOM   84  P  P     . DA  A 1 5  ? -0.643  -12.766 -6.315  1.00 80.55 ? 5   DA  A P     1 
ATOM   85  O  OP1   . DA  A 1 5  ? -0.909  -13.949 -7.153  1.00 84.64 ? 5   DA  A OP1   1 
ATOM   86  O  OP2   . DA  A 1 5  ? -1.202  -11.436 -6.657  1.00 80.01 ? 5   DA  A OP2   1 
ATOM   87  O  "O5'" . DA  A 1 5  ? -1.054  -13.190 -4.838  1.00 82.17 ? 5   DA  A "O5'" 1 
ATOM   88  C  "C5'" . DA  A 1 5  ? -0.346  -14.244 -4.144  1.00 82.22 ? 5   DA  A "C5'" 1 
ATOM   89  C  "C4'" . DA  A 1 5  ? -0.076  -13.820 -2.718  1.00 79.51 ? 5   DA  A "C4'" 1 
ATOM   90  O  "O4'" . DA  A 1 5  ? 1.061   -12.914 -2.627  1.00 75.00 ? 5   DA  A "O4'" 1 
ATOM   91  C  "C3'" . DA  A 1 5  ? -1.238  -13.076 -2.067  1.00 80.02 ? 5   DA  A "C3'" 1 
ATOM   92  O  "O3'" . DA  A 1 5  ? -1.313  -13.556 -0.731  1.00 85.34 ? 5   DA  A "O3'" 1 
ATOM   93  C  "C2'" . DA  A 1 5  ? -0.819  -11.616 -2.159  1.00 74.07 ? 5   DA  A "C2'" 1 
ATOM   94  C  "C1'" . DA  A 1 5  ? 0.670   -11.745 -1.913  1.00 70.40 ? 5   DA  A "C1'" 1 
ATOM   95  N  N9    . DA  A 1 5  ? 1.508   -10.637 -2.368  1.00 64.03 ? 5   DA  A N9    1 
ATOM   96  C  C8    . DA  A 1 5  ? 1.408   -9.896  -3.521  1.00 62.85 ? 5   DA  A C8    1 
ATOM   97  N  N7    . DA  A 1 5  ? 2.345   -8.987  -3.650  1.00 60.33 ? 5   DA  A N7    1 
ATOM   98  C  C5    . DA  A 1 5  ? 3.114   -9.137  -2.503  1.00 58.79 ? 5   DA  A C5    1 
ATOM   99  C  C6    . DA  A 1 5  ? 4.260   -8.466  -2.040  1.00 56.06 ? 5   DA  A C6    1 
ATOM   100 N  N6    . DA  A 1 5  ? 4.852   -7.474  -2.708  1.00 56.05 ? 5   DA  A N6    1 
ATOM   101 N  N1    . DA  A 1 5  ? 4.770   -8.841  -0.845  1.00 54.97 ? 5   DA  A N1    1 
ATOM   102 C  C2    . DA  A 1 5  ? 4.180   -9.853  -0.183  1.00 58.07 ? 5   DA  A C2    1 
ATOM   103 N  N3    . DA  A 1 5  ? 3.115   -10.582 -0.531  1.00 60.13 ? 5   DA  A N3    1 
ATOM   104 C  C4    . DA  A 1 5  ? 2.612   -10.153 -1.706  1.00 60.93 ? 5   DA  A C4    1 
ATOM   105 P  P     . DG  A 1 6  ? -2.605  -13.256 0.118   1.00 92.40 ? 6   DG  A P     1 
ATOM   106 O  OP1   . DG  A 1 6  ? -3.512  -14.433 -0.041  1.00 93.53 ? 6   DG  A OP1   1 
ATOM   107 O  OP2   . DG  A 1 6  ? -3.071  -11.861 -0.222  1.00 85.67 ? 6   DG  A OP2   1 
ATOM   108 O  "O5'" . DG  A 1 6  ? -2.083  -13.263 1.628   1.00 89.01 ? 6   DG  A "O5'" 1 
ATOM   109 C  "C5'" . DG  A 1 6  ? -0.727  -13.595 2.000   1.00 85.14 ? 6   DG  A "C5'" 1 
ATOM   110 C  "C4'" . DG  A 1 6  ? -0.246  -12.698 3.119   1.00 81.61 ? 6   DG  A "C4'" 1 
ATOM   111 O  "O4'" . DG  A 1 6  ? 0.553   -11.623 2.570   1.00 76.99 ? 6   DG  A "O4'" 1 
ATOM   112 C  "C3'" . DG  A 1 6  ? -1.329  -12.007 3.954   1.00 81.88 ? 6   DG  A "C3'" 1 
ATOM   113 O  "O3'" . DG  A 1 6  ? -0.853  -11.904 5.306   1.00 82.71 ? 6   DG  A "O3'" 1 
ATOM   114 C  "C2'" . DG  A 1 6  ? -1.476  -10.669 3.251   1.00 77.74 ? 6   DG  A "C2'" 1 
ATOM   115 C  "C1'" . DG  A 1 6  ? -0.030  -10.373 2.921   1.00 72.80 ? 6   DG  A "C1'" 1 
ATOM   116 N  N9    . DG  A 1 6  ? 0.219   -9.445  1.827   1.00 65.82 ? 6   DG  A N9    1 
ATOM   117 C  C8    . DG  A 1 6  ? -0.453  -9.329  0.634   1.00 66.45 ? 6   DG  A C8    1 
ATOM   118 N  N7    . DG  A 1 6  ? 0.048   -8.410  -0.146  1.00 62.26 ? 6   DG  A N7    1 
ATOM   119 C  C5    . DG  A 1 6  ? 1.128   -7.908  0.567   1.00 58.85 ? 6   DG  A C5    1 
ATOM   120 C  C6    . DG  A 1 6  ? 2.055   -6.893  0.233   1.00 56.24 ? 6   DG  A C6    1 
ATOM   121 O  O6    . DG  A 1 6  ? 2.105   -6.212  -0.789  1.00 55.85 ? 6   DG  A O6    1 
ATOM   122 N  N1    . DG  A 1 6  ? 2.966   -6.674  1.259   1.00 55.86 ? 6   DG  A N1    1 
ATOM   123 C  C2    . DG  A 1 6  ? 2.980   -7.342  2.458   1.00 56.79 ? 6   DG  A C2    1 
ATOM   124 N  N2    . DG  A 1 6  ? 3.930   -6.985  3.330   1.00 56.68 ? 6   DG  A N2    1 
ATOM   125 N  N3    . DG  A 1 6  ? 2.136   -8.306  2.771   1.00 60.11 ? 6   DG  A N3    1 
ATOM   126 C  C4    . DG  A 1 6  ? 1.237   -8.528  1.790   1.00 60.29 ? 6   DG  A C4    1 
ATOM   127 P  P     . DC  A 1 7  ? -1.731  -11.201 6.483   1.00 86.76 ? 7   DC  A P     1 
ATOM   128 O  OP1   . DC  A 1 7  ? -1.694  -12.093 7.674   1.00 87.11 ? 7   DC  A OP1   1 
ATOM   129 O  OP2   . DC  A 1 7  ? -3.040  -10.727 5.919   1.00 84.55 ? 7   DC  A OP2   1 
ATOM   130 O  "O5'" . DC  A 1 7  ? -0.866  -9.913  6.835   1.00 82.50 ? 7   DC  A "O5'" 1 
ATOM   131 C  "C5'" . DC  A 1 7  ? 0.544   -10.033 7.074   1.00 82.00 ? 7   DC  A "C5'" 1 
ATOM   132 C  "C4'" . DC  A 1 7  ? 1.088   -8.661  7.372   1.00 79.31 ? 7   DC  A "C4'" 1 
ATOM   133 O  "O4'" . DC  A 1 7  ? 1.254   -7.954  6.130   1.00 76.04 ? 7   DC  A "O4'" 1 
ATOM   134 C  "C3'" . DC  A 1 7  ? 0.150   -7.803  8.222   1.00 80.13 ? 7   DC  A "C3'" 1 
ATOM   135 O  "O3'" . DC  A 1 7  ? 0.929   -7.150  9.222   1.00 85.45 ? 7   DC  A "O3'" 1 
ATOM   136 C  "C2'" . DC  A 1 7  ? -0.473  -6.845  7.226   1.00 74.82 ? 7   DC  A "C2'" 1 
ATOM   137 C  "C1'" . DC  A 1 7  ? 0.649   -6.681  6.232   1.00 71.20 ? 7   DC  A "C1'" 1 
ATOM   138 N  N1    . DC  A 1 7  ? 0.205   -6.305  4.896   1.00 66.47 ? 7   DC  A N1    1 
ATOM   139 C  C2    . DC  A 1 7  ? 0.859   -5.267  4.227   1.00 63.66 ? 7   DC  A C2    1 
ATOM   140 O  O2    . DC  A 1 7  ? 1.800   -4.686  4.793   1.00 66.97 ? 7   DC  A O2    1 
ATOM   141 N  N3    . DC  A 1 7  ? 0.440   -4.911  2.995   1.00 60.13 ? 7   DC  A N3    1 
ATOM   142 C  C4    . DC  A 1 7  ? -0.563  -5.572  2.417   1.00 61.66 ? 7   DC  A C4    1 
ATOM   143 N  N4    . DC  A 1 7  ? -0.930  -5.201  1.191   1.00 62.36 ? 7   DC  A N4    1 
ATOM   144 C  C5    . DC  A 1 7  ? -1.234  -6.647  3.067   1.00 64.08 ? 7   DC  A C5    1 
ATOM   145 C  C6    . DC  A 1 7  ? -0.821  -6.978  4.293   1.00 65.82 ? 7   DC  A C6    1 
ATOM   146 P  P     . DT  A 1 8  ? 0.220   -6.215  10.325  1.00 91.54 ? 8   DT  A P     1 
ATOM   147 O  OP1   . DT  A 1 8  ? 0.924   -6.468  11.619  1.00 95.32 ? 8   DT  A OP1   1 
ATOM   148 O  OP2   . DT  A 1 8  ? -1.273  -6.399  10.241  1.00 88.30 ? 8   DT  A OP2   1 
ATOM   149 O  "O5'" . DT  A 1 8  ? 0.568   -4.757  9.770   1.00 89.58 ? 8   DT  A "O5'" 1 
ATOM   150 C  "C5'" . DT  A 1 8  ? 1.959   -4.382  9.560   1.00 85.23 ? 8   DT  A "C5'" 1 
ATOM   151 C  "C4'" . DT  A 1 8  ? 2.059   -2.964  9.050   1.00 78.27 ? 8   DT  A "C4'" 1 
ATOM   152 O  "O4'" . DT  A 1 8  ? 1.578   -2.962  7.695   1.00 72.67 ? 8   DT  A "O4'" 1 
ATOM   153 C  "C3'" . DT  A 1 8  ? 1.193   -1.958  9.818   1.00 76.78 ? 8   DT  A "C3'" 1 
ATOM   154 O  "O3'" . DT  A 1 8  ? 1.919   -0.812  10.293  1.00 75.68 ? 8   DT  A "O3'" 1 
ATOM   155 C  "C2'" . DT  A 1 8  ? 0.069   -1.631  8.851   1.00 72.73 ? 8   DT  A "C2'" 1 
ATOM   156 C  "C1'" . DT  A 1 8  ? 0.743   -1.836  7.510   1.00 70.00 ? 8   DT  A "C1'" 1 
ATOM   157 N  N1    . DT  A 1 8  ? -0.170  -2.137  6.395   1.00 64.46 ? 8   DT  A N1    1 
ATOM   158 C  C2    . DT  A 1 8  ? -0.070  -1.415  5.228   1.00 60.88 ? 8   DT  A C2    1 
ATOM   159 O  O2    . DT  A 1 8  ? 0.741   -0.515  5.065   1.00 62.30 ? 8   DT  A O2    1 
ATOM   160 N  N3    . DT  A 1 8  ? -0.973  -1.775  4.257   1.00 58.78 ? 8   DT  A N3    1 
ATOM   161 C  C4    . DT  A 1 8  ? -1.946  -2.755  4.346   1.00 59.77 ? 8   DT  A C4    1 
ATOM   162 O  O4    . DT  A 1 8  ? -2.674  -2.980  3.394   1.00 60.84 ? 8   DT  A O4    1 
ATOM   163 C  C5    . DT  A 1 8  ? -1.993  -3.468  5.594   1.00 63.02 ? 8   DT  A C5    1 
ATOM   164 C  C7    . DT  A 1 8  ? -3.024  -4.538  5.778   1.00 65.81 ? 8   DT  A C7    1 
ATOM   165 C  C6    . DT  A 1 8  ? -1.116  -3.129  6.546   1.00 64.08 ? 8   DT  A C6    1 
ATOM   166 P  P     . DT  A 1 9  ? 1.152   0.257   11.241  1.00 82.12 ? 9   DT  A P     1 
ATOM   167 O  OP1   . DT  A 1 9  ? 2.117   0.761   12.266  1.00 83.25 ? 9   DT  A OP1   1 
ATOM   168 O  OP2   . DT  A 1 9  ? -0.190  -0.319  11.638  1.00 81.00 ? 9   DT  A OP2   1 
ATOM   169 O  "O5'" . DT  A 1 9  ? 0.819   1.476   10.256  1.00 73.37 ? 9   DT  A "O5'" 1 
ATOM   170 C  "C5'" . DT  A 1 9  ? 1.860   1.965   9.366   1.00 68.89 ? 9   DT  A "C5'" 1 
ATOM   171 C  "C4'" . DT  A 1 9  ? 1.290   2.964   8.393   1.00 61.15 ? 9   DT  A "C4'" 1 
ATOM   172 O  "O4'" . DT  A 1 9  ? 0.473   2.235   7.453   1.00 59.84 ? 9   DT  A "O4'" 1 
ATOM   173 C  "C3'" . DT  A 1 9  ? 0.368   3.993   9.049   1.00 59.91 ? 9   DT  A "C3'" 1 
ATOM   174 O  "O3'" . DT  A 1 9  ? 0.668   5.262   8.465   1.00 58.62 ? 9   DT  A "O3'" 1 
ATOM   175 C  "C2'" . DT  A 1 9  ? -1.012  3.429   8.766   1.00 57.66 ? 9   DT  A "C2'" 1 
ATOM   176 C  "C1'" . DT  A 1 9  ? -0.789  2.858   7.375   1.00 56.08 ? 9   DT  A "C1'" 1 
ATOM   177 N  N1    . DT  A 1 9  ? -1.752  1.872   6.867   1.00 52.62 ? 9   DT  A N1    1 
ATOM   178 C  C2    . DT  A 1 9  ? -2.071  1.915   5.527   1.00 50.18 ? 9   DT  A C2    1 
ATOM   179 O  O2    . DT  A 1 9  ? -1.590  2.722   4.745   1.00 48.70 ? 9   DT  A O2    1 
ATOM   180 N  N3    . DT  A 1 9  ? -2.973  0.965   5.127   1.00 50.04 ? 9   DT  A N3    1 
ATOM   181 C  C4    . DT  A 1 9  ? -3.564  -0.007  5.906   1.00 51.61 ? 9   DT  A C4    1 
ATOM   182 O  O4    . DT  A 1 9  ? -4.354  -0.798  5.398   1.00 54.63 ? 9   DT  A O4    1 
ATOM   183 C  C5    . DT  A 1 9  ? -3.174  -0.006  7.292   1.00 52.52 ? 9   DT  A C5    1 
ATOM   184 C  C7    . DT  A 1 9  ? -3.764  -1.029  8.209   1.00 56.28 ? 9   DT  A C7    1 
ATOM   185 C  C6    . DT  A 1 9  ? -2.304  0.925   7.702   1.00 52.96 ? 9   DT  A C6    1 
ATOM   186 P  P     . DG  A 1 10 ? 0.095   6.645   9.084   1.00 60.02 ? 10  DG  A P     1 
ATOM   187 O  OP1   . DG  A 1 10 ? 1.111   7.676   8.895   1.00 64.05 ? 10  DG  A OP1   1 
ATOM   188 O  OP2   . DG  A 1 10 ? -0.529  6.413   10.416  1.00 58.27 ? 10  DG  A OP2   1 
ATOM   189 O  "O5'" . DG  A 1 10 ? -1.170  6.991   8.173   1.00 55.81 ? 10  DG  A "O5'" 1 
ATOM   190 C  "C5'" . DG  A 1 10 ? -1.197  6.734   6.738   1.00 55.03 ? 10  DG  A "C5'" 1 
ATOM   191 C  "C4'" . DG  A 1 10 ? -2.603  6.613   6.192   1.00 48.66 ? 10  DG  A "C4'" 1 
ATOM   192 O  "O4'" . DG  A 1 10 ? -3.151  5.321   6.548   1.00 49.23 ? 10  DG  A "O4'" 1 
ATOM   193 C  "C3'" . DG  A 1 10 ? -3.609  7.647   6.707   1.00 49.26 ? 10  DG  A "C3'" 1 
ATOM   194 O  "O3'" . DG  A 1 10 ? -4.491  7.976   5.612   1.00 48.33 ? 10  DG  A "O3'" 1 
ATOM   195 C  "C2'" . DG  A 1 10 ? -4.340  6.880   7.796   1.00 48.88 ? 10  DG  A "C2'" 1 
ATOM   196 C  "C1'" . DG  A 1 10 ? -4.426  5.529   7.124   1.00 48.87 ? 10  DG  A "C1'" 1 
ATOM   197 N  N9    . DG  A 1 10 ? -4.756  4.403   7.997   1.00 48.66 ? 10  DG  A N9    1 
ATOM   198 C  C8    . DG  A 1 10 ? -4.589  4.342   9.357   1.00 52.08 ? 10  DG  A C8    1 
ATOM   199 N  N7    . DG  A 1 10 ? -5.055  3.242   9.883   1.00 51.34 ? 10  DG  A N7    1 
ATOM   200 C  C5    . DG  A 1 10 ? -5.589  2.548   8.811   1.00 51.65 ? 10  DG  A C5    1 
ATOM   201 C  C6    . DG  A 1 10 ? -6.250  1.302   8.772   1.00 53.65 ? 10  DG  A C6    1 
ATOM   202 O  O6    . DG  A 1 10 ? -6.484  0.527   9.706   1.00 56.32 ? 10  DG  A O6    1 
ATOM   203 N  N1    . DG  A 1 10 ? -6.663  0.980   7.483   1.00 52.89 ? 10  DG  A N1    1 
ATOM   204 C  C2    . DG  A 1 10 ? -6.440  1.746   6.367   1.00 50.76 ? 10  DG  A C2    1 
ATOM   205 N  N2    . DG  A 1 10 ? -6.900  1.248   5.216   1.00 50.93 ? 10  DG  A N2    1 
ATOM   206 N  N3    . DG  A 1 10 ? -5.820  2.917   6.387   1.00 50.06 ? 10  DG  A N3    1 
ATOM   207 C  C4    . DG  A 1 10 ? -5.425  3.256   7.639   1.00 49.75 ? 10  DG  A C4    1 
ATOM   208 P  P     . DG  A 1 11 ? -5.066  9.436   5.392   1.00 48.06 ? 11  DG  A P     1 
ATOM   209 O  OP1   . DG  A 1 11 ? -4.014  10.429  5.721   1.00 48.92 ? 11  DG  A OP1   1 
ATOM   210 O  OP2   . DG  A 1 11 ? -6.410  9.533   6.044   1.00 48.35 ? 11  DG  A OP2   1 
ATOM   211 O  "O5'" . DG  A 1 11 ? -5.397  9.429   3.839   1.00 49.39 ? 11  DG  A "O5'" 1 
ATOM   212 C  "C5'" . DG  A 1 11 ? -4.375  9.208   2.850   1.00 51.11 ? 11  DG  A "C5'" 1 
ATOM   213 C  "C4'" . DG  A 1 11 ? -4.519  10.259  1.779   1.00 51.79 ? 11  DG  A "C4'" 1 
ATOM   214 O  "O4'" . DG  A 1 11 ? -5.816  10.122  1.184   1.00 50.68 ? 11  DG  A "O4'" 1 
ATOM   215 C  "C3'" . DG  A 1 11 ? -4.470  11.690  2.294   1.00 53.28 ? 11  DG  A "C3'" 1 
ATOM   216 O  "O3'" . DG  A 1 11 ? -3.814  12.481  1.314   1.00 60.21 ? 11  DG  A "O3'" 1 
ATOM   217 C  "C2'" . DG  A 1 11 ? -5.926  12.078  2.467   1.00 49.39 ? 11  DG  A "C2'" 1 
ATOM   218 C  "C1'" . DG  A 1 11 ? -6.596  11.299  1.381   1.00 48.40 ? 11  DG  A "C1'" 1 
ATOM   219 N  N9    . DG  A 1 11 ? -7.964  10.873  1.621   1.00 46.04 ? 11  DG  A N9    1 
ATOM   220 C  C8    . DG  A 1 11 ? -8.492  10.266  2.736   1.00 44.37 ? 11  DG  A C8    1 
ATOM   221 N  N7    . DG  A 1 11 ? -9.743  9.918   2.584   1.00 44.10 ? 11  DG  A N7    1 
ATOM   222 C  C5    . DG  A 1 11 ? -10.055 10.315  1.294   1.00 46.10 ? 11  DG  A C5    1 
ATOM   223 C  C6    . DG  A 1 11 ? -11.259 10.172  0.546   1.00 48.44 ? 11  DG  A C6    1 
ATOM   224 O  O6    . DG  A 1 11 ? -12.340 9.688   0.900   1.00 48.72 ? 11  DG  A O6    1 
ATOM   225 N  N1    . DG  A 1 11 ? -11.116 10.660  -0.740  1.00 48.78 ? 11  DG  A N1    1 
ATOM   226 C  C2    . DG  A 1 11 ? -9.966  11.203  -1.258  1.00 49.93 ? 11  DG  A C2    1 
ATOM   227 N  N2    . DG  A 1 11 ? -10.042 11.653  -2.516  1.00 51.11 ? 11  DG  A N2    1 
ATOM   228 N  N3    . DG  A 1 11 ? -8.838  11.317  -0.589  1.00 47.72 ? 11  DG  A N3    1 
ATOM   229 C  C4    . DG  A 1 11 ? -8.954  10.866  0.674   1.00 46.32 ? 11  DG  A C4    1 
ATOM   230 P  P     . DA  A 1 12 ? -3.545  14.021  1.599   1.00 64.68 ? 12  DA  A P     1 
ATOM   231 O  OP1   . DA  A 1 12 ? -2.127  14.267  1.194   1.00 68.79 ? 12  DA  A OP1   1 
ATOM   232 O  OP2   . DA  A 1 12 ? -4.026  14.367  2.977   1.00 63.74 ? 12  DA  A OP2   1 
ATOM   233 O  "O5'" . DA  A 1 12 ? -4.610  14.754  0.659   1.00 65.17 ? 12  DA  A "O5'" 1 
ATOM   234 C  "C5'" . DA  A 1 12 ? -4.823  14.319  -0.681  1.00 64.36 ? 12  DA  A "C5'" 1 
ATOM   235 C  "C4'" . DA  A 1 12 ? -5.832  15.233  -1.324  1.00 64.54 ? 12  DA  A "C4'" 1 
ATOM   236 O  "O4'" . DA  A 1 12 ? -7.167  14.806  -0.985  1.00 62.96 ? 12  DA  A "O4'" 1 
ATOM   237 C  "C3'" . DA  A 1 12 ? -5.765  16.692  -0.889  1.00 66.00 ? 12  DA  A "C3'" 1 
ATOM   238 O  "O3'" . DA  A 1 12 ? -6.242  17.366  -2.070  1.00 69.97 ? 12  DA  A "O3'" 1 
ATOM   239 C  "C2'" . DA  A 1 12 ? -6.724  16.739  0.286   1.00 62.48 ? 12  DA  A "C2'" 1 
ATOM   240 C  "C1'" . DA  A 1 12 ? -7.824  15.805  -0.209  1.00 61.13 ? 12  DA  A "C1'" 1 
ATOM   241 N  N9    . DA  A 1 12 ? -8.590  15.106  0.825   1.00 56.84 ? 12  DA  A N9    1 
ATOM   242 C  C8    . DA  A 1 12 ? -8.153  14.784  2.084   1.00 56.01 ? 12  DA  A C8    1 
ATOM   243 N  N7    . DA  A 1 12 ? -9.027  14.114  2.791   1.00 53.19 ? 12  DA  A N7    1 
ATOM   244 C  C5    . DA  A 1 12 ? -10.113 13.982  1.940   1.00 52.85 ? 12  DA  A C5    1 
ATOM   245 C  C6    . DA  A 1 12 ? -11.356 13.366  2.104   1.00 51.72 ? 12  DA  A C6    1 
ATOM   246 N  N6    . DA  A 1 12 ? -11.717 12.751  3.235   1.00 51.46 ? 12  DA  A N6    1 
ATOM   247 N  N1    . DA  A 1 12 ? -12.222 13.401  1.065   1.00 50.83 ? 12  DA  A N1    1 
ATOM   248 C  C2    . DA  A 1 12 ? -11.844 14.024  -0.063  1.00 53.88 ? 12  DA  A C2    1 
ATOM   249 N  N3    . DA  A 1 12 ? -10.688 14.629  -0.341  1.00 54.95 ? 12  DA  A N3    1 
ATOM   250 C  C4    . DA  A 1 12 ? -9.856  14.576  0.721   1.00 54.18 ? 12  DA  A C4    1 
ATOM   251 P  P     . DG  A 1 13 ? -6.260  18.955  -2.169  1.00 72.40 ? 13  DG  A P     1 
ATOM   252 O  OP1   . DG  A 1 13 ? -5.889  19.336  -3.567  1.00 80.22 ? 13  DG  A OP1   1 
ATOM   253 O  OP2   . DG  A 1 13 ? -5.513  19.509  -1.006  1.00 73.61 ? 13  DG  A OP2   1 
ATOM   254 O  "O5'" . DG  A 1 13 ? -7.799  19.338  -2.010  1.00 67.70 ? 13  DG  A "O5'" 1 
ATOM   255 C  "C5'" . DG  A 1 13 ? -8.838  18.746  -2.818  1.00 66.93 ? 13  DG  A "C5'" 1 
ATOM   256 C  "C4'" . DG  A 1 13 ? -10.164 19.162  -2.233  1.00 66.06 ? 13  DG  A "C4'" 1 
ATOM   257 O  "O4'" . DG  A 1 13 ? -10.427 18.288  -1.110  1.00 62.20 ? 13  DG  A "O4'" 1 
ATOM   258 C  "C3'" . DG  A 1 13 ? -10.093 20.577  -1.655  1.00 67.74 ? 13  DG  A "C3'" 1 
ATOM   259 O  "O3'" . DG  A 1 13 ? -10.317 21.632  -2.618  1.00 77.55 ? 13  DG  A "O3'" 1 
ATOM   260 C  "C2'" . DG  A 1 13 ? -10.852 20.513  -0.340  1.00 66.25 ? 13  DG  A "C2'" 1 
ATOM   261 C  "C1'" . DG  A 1 13 ? -11.042 19.016  -0.054  1.00 60.98 ? 13  DG  A "C1'" 1 
ATOM   262 N  N9    . DG  A 1 13 ? -10.530 18.492  1.213   1.00 58.64 ? 13  DG  A N9    1 
ATOM   263 C  C8    . DG  A 1 13 ? -9.295  18.665  1.791   1.00 57.64 ? 13  DG  A C8    1 
ATOM   264 N  N7    . DG  A 1 13 ? -9.164  18.019  2.919   1.00 56.12 ? 13  DG  A N7    1 
ATOM   265 C  C5    . DG  A 1 13 ? -10.383 17.372  3.086   1.00 55.61 ? 13  DG  A C5    1 
ATOM   266 C  C6    . DG  A 1 13 ? -10.833 16.497  4.118   1.00 54.22 ? 13  DG  A C6    1 
ATOM   267 O  O6    . DG  A 1 13 ? -10.234 16.128  5.136   1.00 54.20 ? 13  DG  A O6    1 
ATOM   268 N  N1    . DG  A 1 13 ? -12.133 16.060  3.883   1.00 53.23 ? 13  DG  A N1    1 
ATOM   269 C  C2    . DG  A 1 13 ? -12.894 16.398  2.791   1.00 54.45 ? 13  DG  A C2    1 
ATOM   270 N  N2    . DG  A 1 13 ? -14.115 15.864  2.736   1.00 56.29 ? 13  DG  A N2    1 
ATOM   271 N  N3    . DG  A 1 13 ? -12.488 17.204  1.826   1.00 52.49 ? 13  DG  A N3    1 
ATOM   272 C  C4    . DG  A 1 13 ? -11.232 17.649  2.037   1.00 53.57 ? 13  DG  A C4    1 
ATOM   273 P  P     . DA  A 1 14 ? -11.728 21.928  -3.283  1.00 72.42 ? 14  DA  A P     1 
ATOM   274 O  OP1   . DA  A 1 14 ? -12.786 21.429  -2.339  1.00 78.52 ? 14  DA  A OP1   1 
ATOM   275 O  OP2   . DA  A 1 14 ? -11.653 21.391  -4.639  1.00 72.16 ? 14  DA  A OP2   1 
ATOM   276 O  "O5'" . DA  A 1 14 ? -11.937 23.442  -2.876  1.00 70.95 ? 14  DA  A "O5'" 1 
ATOM   277 C  "C5'" . DA  A 1 14 ? -11.493 23.926  -1.588  1.00 66.24 ? 14  DA  A "C5'" 1 
ATOM   278 C  "C4'" . DA  A 1 14 ? -11.602 25.431  -1.570  1.00 67.53 ? 14  DA  A "C4'" 1 
ATOM   279 O  "O4'" . DA  A 1 14 ? -10.800 25.987  -2.641  1.00 69.33 ? 14  DA  A "O4'" 1 
ATOM   280 C  "C3'" . DA  A 1 14 ? -12.994 25.954  -1.874  1.00 66.74 ? 14  DA  A "C3'" 1 
ATOM   281 O  "O3'" . DA  A 1 14 ? -13.847 25.968  -0.738  1.00 66.60 ? 14  DA  A "O3'" 1 
ATOM   282 C  "C2'" . DA  A 1 14 ? -12.698 27.365  -2.338  1.00 69.31 ? 14  DA  A "C2'" 1 
ATOM   283 C  "C1'" . DA  A 1 14 ? -11.419 27.175  -3.123  1.00 69.77 ? 14  DA  A "C1'" 1 
ATOM   284 N  N9    . DA  A 1 14 ? -11.641 27.022  -4.556  1.00 70.02 ? 14  DA  A N9    1 
ATOM   285 C  C8    . DA  A 1 14 ? -11.812 25.885  -5.309  1.00 68.36 ? 14  DA  A C8    1 
ATOM   286 N  N7    . DA  A 1 14 ? -11.973 26.120  -6.585  1.00 70.37 ? 14  DA  A N7    1 
ATOM   287 C  C5    . DA  A 1 14 ? -11.874 27.501  -6.683  1.00 73.34 ? 14  DA  A C5    1 
ATOM   288 C  C6    . DA  A 1 14 ? -11.947 28.379  -7.773  1.00 77.75 ? 14  DA  A C6    1 
ATOM   289 N  N6    . DA  A 1 14 ? -12.163 27.987  -9.027  1.00 81.44 ? 14  DA  A N6    1 
ATOM   290 N  N1    . DA  A 1 14 ? -11.775 29.695  -7.530  1.00 79.69 ? 14  DA  A N1    1 
ATOM   291 C  C2    . DA  A 1 14 ? -11.569 30.094  -6.272  1.00 77.50 ? 14  DA  A C2    1 
ATOM   292 N  N3    . DA  A 1 14 ? -11.496 29.367  -5.165  1.00 73.00 ? 14  DA  A N3    1 
ATOM   293 C  C4    . DA  A 1 14 ? -11.649 28.064  -5.445  1.00 71.42 ? 14  DA  A C4    1 
HETATM 294 MG MG    . MG  B 2 .  ? 19.394  -12.673 -2.146  1.00 74.45 ? 101 MG  A MG    1 
HETATM 295 MG MG    . MG  C 2 .  ? -2.781  9.913   10.310  1.00 65.35 ? 102 MG  A MG    1 
HETATM 296 O  O     . HOH D 3 .  ? -7.549  8.435   7.937   1.00 37.43 ? 201 HOH A O     1 
HETATM 297 O  O     . HOH D 3 .  ? -14.771 13.049  0.950   1.00 50.36 ? 202 HOH A O     1 
HETATM 298 O  O     . HOH D 3 .  ? 4.573   -15.644 -6.823  1.00 56.56 ? 203 HOH A O     1 
HETATM 299 O  O     . HOH D 3 .  ? -6.583  20.758  1.177   1.00 51.94 ? 204 HOH A O     1 
HETATM 300 O  O     . HOH D 3 .  ? -7.921  -1.262  6.551   1.00 58.99 ? 205 HOH A O     1 
HETATM 301 O  O     . HOH D 3 .  ? -12.841 24.750  -8.915  1.00 52.15 ? 206 HOH A O     1 
HETATM 302 O  O     . HOH D 3 .  ? -10.907 30.637  -2.609  1.00 50.82 ? 207 HOH A O     1 
HETATM 303 O  O     . HOH D 3 .  ? 15.177  -14.285 -10.079 1.00 57.43 ? 208 HOH A O     1 
HETATM 304 O  O     . HOH D 3 .  ? 15.972  -20.832 -3.731  1.00 45.04 ? 209 HOH A O     1 
HETATM 305 O  O     . HOH D 3 .  ? -6.559  11.805  -2.372  1.00 59.76 ? 210 HOH A O     1 
HETATM 306 O  O     . HOH D 3 .  ? -6.191  14.081  5.829   1.00 57.30 ? 211 HOH A O     1 
HETATM 307 O  O     . HOH D 3 .  ? 1.519   4.773   3.715   1.00 62.45 ? 212 HOH A O     1 
HETATM 308 O  O     . HOH D 3 .  ? -2.833  16.032  -3.398  1.00 58.39 ? 213 HOH A O     1 
# 
loop_
_atom_site_anisotrop.id 
_atom_site_anisotrop.type_symbol 
_atom_site_anisotrop.pdbx_label_atom_id 
_atom_site_anisotrop.pdbx_label_alt_id 
_atom_site_anisotrop.pdbx_label_comp_id 
_atom_site_anisotrop.pdbx_label_asym_id 
_atom_site_anisotrop.pdbx_label_seq_id 
_atom_site_anisotrop.pdbx_PDB_ins_code 
_atom_site_anisotrop.U[1][1] 
_atom_site_anisotrop.U[2][2] 
_atom_site_anisotrop.U[3][3] 
_atom_site_anisotrop.U[1][2] 
_atom_site_anisotrop.U[1][3] 
_atom_site_anisotrop.U[2][3] 
_atom_site_anisotrop.pdbx_auth_seq_id 
_atom_site_anisotrop.pdbx_auth_comp_id 
_atom_site_anisotrop.pdbx_auth_asym_id 
_atom_site_anisotrop.pdbx_auth_atom_id 
1   O "O5'" . DG A 1  ? 0.7738 0.8055 0.6538 0.0890 -0.1443 -0.0360 1  DG A "O5'" 
2   C "C5'" . DG A 1  ? 0.7513 0.7798 0.6380 0.0988 -0.1180 -0.0157 1  DG A "C5'" 
3   C "C4'" . DG A 1  ? 0.7712 0.8019 0.6149 0.1123 -0.1111 -0.0021 1  DG A "C4'" 
4   O "O4'" . DG A 1  ? 0.7376 0.7781 0.5415 0.1115 -0.1322 -0.0131 1  DG A "O4'" 
5   C "C3'" . DG A 1  ? 0.7662 0.7937 0.6193 0.1115 -0.1061 0.0014  1  DG A "C3'" 
6   O "O3'" . DG A 1  ? 0.8125 0.8385 0.6380 0.1354 -0.0851 0.0217  1  DG A "O3'" 
7   C "C2'" . DG A 1  ? 0.7381 0.7723 0.5641 0.1015 -0.1321 -0.0140 1  DG A "C2'" 
8   C "C1'" . DG A 1  ? 0.7177 0.7602 0.5115 0.1081 -0.1403 -0.0176 1  DG A "C1'" 
9   N N9    . DG A 1  ? 0.6678 0.7122 0.4552 0.0974 -0.1570 -0.0314 1  DG A N9    
10  C C8    . DG A 1  ? 0.6632 0.6999 0.4584 0.0887 -0.1638 -0.0375 1  DG A C8    
11  N N7    . DG A 1  ? 0.6389 0.6734 0.4253 0.0868 -0.1677 -0.0421 1  DG A N7    
12  C C5    . DG A 1  ? 0.6290 0.6744 0.4158 0.0899 -0.1679 -0.0461 1  DG A C5    
13  C C6    . DG A 1  ? 0.6291 0.6785 0.4309 0.0887 -0.1694 -0.0570 1  DG A C6    
14  O O6    . DG A 1  ? 0.6328 0.6710 0.4471 0.0843 -0.1620 -0.0565 1  DG A O6    
15  N N1    . DG A 1  ? 0.6134 0.6808 0.4205 0.0991 -0.1776 -0.0706 1  DG A N1    
16  C C2    . DG A 1  ? 0.6376 0.7143 0.4204 0.1154 -0.1797 -0.0668 1  DG A C2    
17  N N2    . DG A 1  ? 0.6295 0.7256 0.4100 0.1359 -0.1918 -0.0852 1  DG A N2    
18  N N3    . DG A 1  ? 0.6634 0.7303 0.4311 0.1166 -0.1686 -0.0476 1  DG A N3    
19  C C4    . DG A 1  ? 0.6439 0.6970 0.4226 0.1002 -0.1650 -0.0412 1  DG A C4    
20  P P     . DG A 2  ? 0.8620 0.8802 0.6974 0.1445 -0.0648 0.0368  2  DG A P     
21  O OP1   . DG A 2  ? 0.9123 0.9211 0.7275 0.1795 -0.0292 0.0655  2  DG A OP1   
22  O OP2   . DG A 2  ? 0.8216 0.8346 0.7214 0.1222 -0.0658 0.0255  2  DG A OP2   
23  O "O5'" . DG A 2  ? 0.8087 0.8387 0.6007 0.1442 -0.0901 0.0243  2  DG A "O5'" 
24  C "C5'" . DG A 2  ? 0.8017 0.8448 0.5436 0.1665 -0.1020 0.0188  2  DG A "C5'" 
25  C "C4'" . DG A 2  ? 0.7640 0.8184 0.5000 0.1533 -0.1285 -0.0025 2  DG A "C4'" 
26  O "O4'" . DG A 2  ? 0.7101 0.7626 0.4679 0.1259 -0.1432 -0.0162 2  DG A "O4'" 
27  C "C3'" . DG A 2  ? 0.7638 0.8137 0.5051 0.1487 -0.1244 0.0024  2  DG A "C3'" 
28  O "O3'" . DG A 2  ? 0.7874 0.8510 0.5115 0.1557 -0.1425 -0.0142 2  DG A "O3'" 
29  C "C2'" . DG A 2  ? 0.7213 0.7630 0.4948 0.1194 -0.1312 -0.0042 2  DG A "C2'" 
30  C "C1'" . DG A 2  ? 0.6914 0.7386 0.4608 0.1112 -0.1473 -0.0188 2  DG A "C1'" 
31  N N9    . DG A 2  ? 0.6543 0.6935 0.4399 0.0960 -0.1530 -0.0242 2  DG A N9    
32  C C8    . DG A 2  ? 0.6588 0.6913 0.4688 0.0912 -0.1509 -0.0247 2  DG A C8    
33  N N7    . DG A 2  ? 0.6550 0.6842 0.4645 0.0877 -0.1626 -0.0353 2  DG A N7    
34  C C5    . DG A 2  ? 0.6446 0.6743 0.4320 0.0875 -0.1651 -0.0354 2  DG A C5    
35  C C6    . DG A 2  ? 0.6325 0.6551 0.4098 0.0890 -0.1677 -0.0387 2  DG A C6    
36  O O6    . DG A 2  ? 0.6359 0.6515 0.4065 0.0961 -0.1730 -0.0430 2  DG A O6    
37  N N1    . DG A 2  ? 0.6118 0.6360 0.3915 0.0870 -0.1623 -0.0388 2  DG A N1    
38  C C2    . DG A 2  ? 0.6244 0.6610 0.4129 0.0866 -0.1634 -0.0435 2  DG A C2    
39  N N2    . DG A 2  ? 0.6130 0.6536 0.4234 0.0857 -0.1615 -0.0534 2  DG A N2    
40  N N3    . DG A 2  ? 0.6296 0.6740 0.4109 0.0914 -0.1648 -0.0407 2  DG A N3    
41  C C4    . DG A 2  ? 0.6362 0.6742 0.4177 0.0903 -0.1616 -0.0329 2  DG A C4    
42  P P     . DA A 3  ? 0.8753 0.9470 0.5651 0.1916 -0.1380 -0.0098 3  DA A P     
43  O OP1   . DA A 3  ? 0.9042 0.9725 0.5657 0.2251 -0.1191 0.0077  3  DA A OP1   
44  O OP2   . DA A 3  ? 0.8734 0.9351 0.5727 0.1822 -0.1269 0.0025  3  DA A OP2   
45  O "O5'" . DA A 3  ? 0.8249 0.9205 0.5139 0.2002 -0.1688 -0.0451 3  DA A "O5'" 
46  C "C5'" . DA A 3  ? 0.8381 0.9511 0.5212 0.2195 -0.1854 -0.0669 3  DA A "C5'" 
47  C "C4'" . DA A 3  ? 0.8128 0.9457 0.5364 0.2115 -0.2125 -0.1066 3  DA A "C4'" 
48  O "O4'" . DA A 3  ? 0.7907 0.9095 0.5580 0.1696 -0.2062 -0.1036 3  DA A "O4'" 
49  C "C3'" . DA A 3  ? 0.8430 0.9846 0.5741 0.2178 -0.2214 -0.1199 3  DA A "C3'" 
50  O "O3'" . DA A 3  ? 0.8769 1.0477 0.6454 0.2342 -0.2508 -0.1677 3  DA A "O3'" 
51  C "C2'" . DA A 3  ? 0.7808 0.9012 0.5438 0.1746 -0.2067 -0.1032 3  DA A "C2'" 
52  C "C1'" . DA A 3  ? 0.7481 0.8635 0.5446 0.1528 -0.2058 -0.1090 3  DA A "C1'" 
53  N N9    . DA A 3  ? 0.7050 0.7954 0.5089 0.1235 -0.1882 -0.0855 3  DA A N9    
54  C C8    . DA A 3  ? 0.6702 0.7443 0.4481 0.1168 -0.1758 -0.0596 3  DA A C8    
55  N N7    . DA A 3  ? 0.6615 0.7191 0.4489 0.0992 -0.1685 -0.0509 3  DA A N7    
56  C C5    . DA A 3  ? 0.6614 0.7193 0.4797 0.0935 -0.1679 -0.0636 3  DA A C5    
57  C C6    . DA A 3  ? 0.6604 0.7006 0.4948 0.0849 -0.1543 -0.0567 3  DA A C6    
58  N N6    . DA A 3  ? 0.7037 0.7262 0.5124 0.0847 -0.1472 -0.0402 3  DA A N6    
59  N N1    . DA A 3  ? 0.6535 0.6943 0.5357 0.0825 -0.1462 -0.0690 3  DA A N1    
60  C C2    . DA A 3  ? 0.6664 0.7308 0.5841 0.0874 -0.1606 -0.0966 3  DA A C2    
61  N N3    . DA A 3  ? 0.6609 0.7475 0.5559 0.1017 -0.1818 -0.1105 3  DA A N3    
62  C C4    . DA A 3  ? 0.6769 0.7561 0.5174 0.1045 -0.1804 -0.0877 3  DA A C4    
63  P P     . DA A 4  ? 0.9456 1.1381 0.7206 0.2598 -0.2708 -0.1968 4  DA A P     
64  O OP1   . DA A 4  ? 0.9629 1.1922 0.7647 0.2960 -0.3070 -0.2525 4  DA A OP1   
65  O OP2   . DA A 4  ? 0.9879 1.1678 0.6928 0.2825 -0.2541 -0.1621 4  DA A OP2   
66  O "O5'" . DA A 4  ? 0.9146 1.0943 0.7563 0.2141 -0.2609 -0.1971 4  DA A "O5'" 
67  C "C5'" . DA A 4  ? 0.8729 1.0534 0.7979 0.1868 -0.2605 -0.2194 4  DA A "C5'" 
68  C "C4'" . DA A 4  ? 0.8409 0.9965 0.7999 0.1516 -0.2356 -0.1979 4  DA A "C4'" 
69  O "O4'" . DA A 4  ? 0.8037 0.9285 0.7114 0.1324 -0.2115 -0.1505 4  DA A "O4'" 
70  C "C3'" . DA A 4  ? 0.8701 1.0307 0.8307 0.1574 -0.2397 -0.2034 4  DA A "C3'" 
71  O "O3'" . DA A 4  ? 0.9122 1.0573 0.9375 0.1310 -0.2199 -0.2011 4  DA A "O3'" 
72  C "C2'" . DA A 4  ? 0.8297 0.9666 0.7157 0.1509 -0.2221 -0.1566 4  DA A "C2'" 
73  C "C1'" . DA A 4  ? 0.7818 0.8937 0.6676 0.1257 -0.2014 -0.1301 4  DA A "C1'" 
74  N N9    . DA A 4  ? 0.7238 0.8185 0.5520 0.1226 -0.1901 -0.0958 4  DA A N9    
75  C C8    . DA A 4  ? 0.7377 0.8353 0.5190 0.1414 -0.1905 -0.0828 4  DA A C8    
76  N N7    . DA A 4  ? 0.7530 0.8324 0.5147 0.1308 -0.1754 -0.0559 4  DA A N7    
77  C C5    . DA A 4  ? 0.7101 0.7760 0.4937 0.1085 -0.1705 -0.0535 4  DA A C5    
78  C C6    . DA A 4  ? 0.6973 0.7458 0.4751 0.0963 -0.1621 -0.0381 4  DA A C6    
79  N N6    . DA A 4  ? 0.7186 0.7618 0.4859 0.0978 -0.1570 -0.0259 4  DA A N6    
80  N N1    . DA A 4  ? 0.7031 0.7398 0.4925 0.0880 -0.1573 -0.0381 4  DA A N1    
81  C C2    . DA A 4  ? 0.7068 0.7457 0.5260 0.0863 -0.1539 -0.0489 4  DA A C2    
82  N N3    . DA A 4  ? 0.6835 0.7404 0.5304 0.0911 -0.1624 -0.0692 4  DA A N3    
83  C C4    . DA A 4  ? 0.7135 0.7851 0.5342 0.1042 -0.1745 -0.0725 4  DA A C4    
84  P P     . DA A 5  ? 0.9280 1.0936 1.0388 0.1361 -0.2312 -0.2439 5  DA A P     
85  O OP1   . DA A 5  ? 0.9438 1.1396 1.1326 0.1499 -0.2541 -0.2973 5  DA A OP1   
86  O OP2   . DA A 5  ? 0.9350 1.1098 0.9950 0.1532 -0.2448 -0.2421 5  DA A OP2   
87  O "O5'" . DA A 5  ? 0.9400 1.0725 1.1094 0.1055 -0.1901 -0.2194 5  DA A "O5'" 
88  C "C5'" . DA A 5  ? 0.9410 1.0495 1.1333 0.0904 -0.1620 -0.1990 5  DA A "C5'" 
89  C "C4'" . DA A 5  ? 0.9348 1.0032 1.0829 0.0781 -0.1255 -0.1477 5  DA A "C4'" 
90  O "O4'" . DA A 5  ? 0.9152 0.9759 0.9585 0.0808 -0.1348 -0.1180 5  DA A "O4'" 
91  C "C3'" . DA A 5  ? 0.9376 0.9967 1.1060 0.0753 -0.1115 -0.1415 5  DA A "C3'" 
92  O "O3'" . DA A 5  ? 1.0119 1.0331 1.1975 0.0706 -0.0655 -0.1072 5  DA A "O3'" 
93  C "C2'" . DA A 5  ? 0.8944 0.9558 0.9643 0.0804 -0.1303 -0.1229 5  DA A "C2'" 
94  C "C1'" . DA A 5  ? 0.8742 0.9218 0.8787 0.0797 -0.1276 -0.0966 5  DA A "C1'" 
95  N N9    . DA A 5  ? 0.8165 0.8710 0.7455 0.0853 -0.1468 -0.0858 5  DA A N9    
96  C C8    . DA A 5  ? 0.8016 0.8790 0.7075 0.0980 -0.1700 -0.1003 5  DA A C8    
97  N N7    . DA A 5  ? 0.7905 0.8628 0.6390 0.1017 -0.1715 -0.0797 5  DA A N7    
98  C C5    . DA A 5  ? 0.7827 0.8321 0.6188 0.0898 -0.1564 -0.0580 5  DA A C5    
99  C C6    . DA A 5  ? 0.7642 0.8020 0.5637 0.0884 -0.1539 -0.0393 5  DA A C6    
100 N N6    . DA A 5  ? 0.7694 0.8129 0.5472 0.0942 -0.1582 -0.0333 5  DA A N6    
101 N N1    . DA A 5  ? 0.7587 0.7785 0.5513 0.0858 -0.1447 -0.0287 5  DA A N1    
102 C C2    . DA A 5  ? 0.7945 0.8027 0.6091 0.0859 -0.1298 -0.0275 5  DA A C2    
103 N N3    . DA A 5  ? 0.8029 0.8165 0.6653 0.0828 -0.1227 -0.0398 5  DA A N3    
104 C C4    . DA A 5  ? 0.8012 0.8385 0.6755 0.0836 -0.1410 -0.0591 5  DA A C4    
105 P P     . DG A 6  ? 1.0909 1.0938 1.3262 0.0696 -0.0342 -0.0976 6  DG A P     
106 O OP1   . DG A 6  ? 1.0578 1.0633 1.4326 0.0647 -0.0106 -0.1251 6  DG A OP1   
107 O OP2   . DG A 6  ? 1.0154 1.0360 1.2038 0.0707 -0.0636 -0.1056 6  DG A OP2   
108 O "O5'" . DG A 6  ? 1.0839 1.0415 1.2565 0.0801 0.0082  -0.0434 6  DG A "O5'" 
109 C "C5'" . DG A 6  ? 1.0636 1.0073 1.1640 0.0888 0.0095  -0.0200 6  DG A "C5'" 
110 C "C4'" . DG A 6  ? 1.0593 0.9806 1.0611 0.1062 0.0152  0.0140  6  DG A "C4'" 
111 O "O4'" . DG A 6  ? 1.0154 0.9600 0.9501 0.1005 -0.0296 0.0030  6  DG A "O4'" 
112 C "C3'" . DG A 6  ? 1.0680 0.9716 1.0714 0.1151 0.0384  0.0301  6  DG A "C3'" 
113 O "O3'" . DG A 6  ? 1.1145 0.9853 1.0427 0.1463 0.0632  0.0665  6  DG A "O3'" 
114 C "C2'" . DG A 6  ? 1.0155 0.9489 0.9896 0.1018 -0.0055 0.0092  6  DG A "C2'" 
115 C "C1'" . DG A 6  ? 0.9717 0.9168 0.8777 0.1024 -0.0368 0.0073  6  DG A "C1'" 
116 N N9    . DG A 6  ? 0.8788 0.8538 0.7681 0.0904 -0.0753 -0.0134 6  DG A N9    
117 C C8    . DG A 6  ? 0.8643 0.8657 0.7946 0.0812 -0.0939 -0.0402 6  DG A C8    
118 N N7    . DG A 6  ? 0.8186 0.8378 0.7092 0.0816 -0.1199 -0.0464 6  DG A N7    
119 C C5    . DG A 6  ? 0.7979 0.8032 0.6350 0.0849 -0.1192 -0.0263 6  DG A C5    
120 C C6    . DG A 6  ? 0.7752 0.7875 0.5741 0.0859 -0.1350 -0.0230 6  DG A C6    
121 O O6    . DG A 6  ? 0.7670 0.7949 0.5603 0.0868 -0.1468 -0.0292 6  DG A O6    
122 N N1    . DG A 6  ? 0.7847 0.7827 0.5548 0.0918 -0.1331 -0.0121 6  DG A N1    
123 C C2    . DG A 6  ? 0.8070 0.7851 0.5655 0.1036 -0.1184 -0.0019 6  DG A C2    
124 N N2    . DG A 6  ? 0.8192 0.7902 0.5440 0.1183 -0.1259 0.0003  6  DG A N2    
125 N N3    . DG A 6  ? 0.8446 0.8105 0.6287 0.1061 -0.0955 0.0045  6  DG A N3    
126 C C4    . DG A 6  ? 0.8262 0.8071 0.6575 0.0926 -0.0969 -0.0095 6  DG A C4    
127 P P     . DC A 7  ? 1.1841 1.0285 1.0839 0.1701 0.0923  0.0929  7  DC A P     
128 O OP1   . DC A 7  ? 1.2091 1.0096 1.0911 0.2097 0.1490  0.1326  7  DC A OP1   
129 O OP2   . DC A 7  ? 1.1271 0.9862 1.0993 0.1464 0.0903  0.0746  7  DC A OP2   
130 O "O5'" . DC A 7  ? 1.1598 1.0163 0.9586 0.1819 0.0494  0.0892  7  DC A "O5'" 
131 C "C5'" . DC A 7  ? 1.1738 1.0326 0.9093 0.1985 0.0284  0.0881  7  DC A "C5'" 
132 C "C4'" . DC A 7  ? 1.1547 1.0289 0.8298 0.2063 -0.0111 0.0751  7  DC A "C4'" 
133 O "O4'" . DC A 7  ? 1.0923 0.9989 0.7978 0.1686 -0.0469 0.0492  7  DC A "O4'" 
134 C "C3'" . DC A 7  ? 1.1770 1.0383 0.8292 0.2248 0.0007  0.0867  7  DC A "C3'" 
135 O "O3'" . DC A 7  ? 1.2704 1.1294 0.8472 0.2635 -0.0196 0.0833  7  DC A "O3'" 
136 C "C2'" . DC A 7  ? 1.0870 0.9747 0.7811 0.1858 -0.0236 0.0666  7  DC A "C2'" 
137 C "C1'" . DC A 7  ? 1.0310 0.9456 0.7288 0.1643 -0.0599 0.0439  7  DC A "C1'" 
138 N N1    . DC A 7  ? 0.9478 0.8864 0.6913 0.1311 -0.0755 0.0274  7  DC A N1    
139 C C2    . DC A 7  ? 0.9087 0.8683 0.6419 0.1196 -0.1054 0.0129  7  DC A C2    
140 O O2    . DC A 7  ? 0.9608 0.9205 0.6632 0.1320 -0.1202 0.0091  7  DC A O2    
141 N N3    . DC A 7  ? 0.8482 0.8270 0.6096 0.1009 -0.1156 0.0019  7  DC A N3    
142 C C4    . DC A 7  ? 0.8521 0.8358 0.6548 0.0931 -0.1062 -0.0043 7  DC A C4    
143 N N4    . DC A 7  ? 0.8479 0.8536 0.6680 0.0856 -0.1218 -0.0201 7  DC A N4    
144 C C5    . DC A 7  ? 0.8784 0.8441 0.7122 0.0981 -0.0783 0.0035  7  DC A C5    
145 C C6    . DC A 7  ? 0.9197 0.8604 0.7206 0.1171 -0.0592 0.0240  7  DC A C6    
146 P P     . DT A 8  ? 1.3670 1.2130 0.8982 0.2974 -0.0138 0.0923  8  DT A P     
147 O OP1   . DT A 8  ? 1.4483 1.2762 0.8970 0.3626 -0.0109 0.1001  8  DT A OP1   
148 O OP2   . DT A 8  ? 1.3163 1.1448 0.8940 0.2834 0.0274  0.1145  8  DT A OP2   
149 O "O5'" . DT A 8  ? 1.3268 1.2072 0.8697 0.2697 -0.0645 0.0583  8  DT A "O5'" 
150 C "C5'" . DT A 8  ? 1.2664 1.1698 0.8020 0.2693 -0.1056 0.0289  8  DT A "C5'" 
151 C "C4'" . DT A 8  ? 1.1597 1.0886 0.7256 0.2435 -0.1379 0.0037  8  DT A "C4'" 
152 O "O4'" . DT A 8  ? 1.0678 1.0070 0.6863 0.1964 -0.1311 0.0080  8  DT A "O4'" 
153 C "C3'" . DT A 8  ? 1.1491 1.0735 0.6948 0.2608 -0.1385 0.0044  8  DT A "C3'" 
154 O "O3'" . DT A 8  ? 1.1297 1.0730 0.6729 0.2772 -0.1764 -0.0288 8  DT A "O3'" 
155 C "C2'" . DT A 8  ? 1.0815 1.0094 0.6724 0.2183 -0.1238 0.0158  8  DT A "C2'" 
156 C "C1'" . DT A 8  ? 1.0264 0.9726 0.6606 0.1823 -0.1351 0.0056  8  DT A "C1'" 
157 N N1    . DT A 8  ? 0.9422 0.8922 0.6146 0.1510 -0.1201 0.0147  8  DT A N1    
158 C C2    . DT A 8  ? 0.8808 0.8502 0.5822 0.1261 -0.1339 0.0045  8  DT A C2    
159 O O2    . DT A 8  ? 0.8932 0.8734 0.6004 0.1238 -0.1510 -0.0073 8  DT A O2    
160 N N3    . DT A 8  ? 0.8430 0.8184 0.5719 0.1090 -0.1246 0.0070  8  DT A N3    
161 C C4    . DT A 8  ? 0.8517 0.8177 0.6016 0.1087 -0.1042 0.0134  8  DT A C4    
162 O O4    . DT A 8  ? 0.8491 0.8277 0.6349 0.0959 -0.1044 0.0041  8  DT A O4    
163 C C5    . DT A 8  ? 0.9073 0.8487 0.6384 0.1300 -0.0818 0.0291  8  DT A C5    
164 C C7    . DT A 8  ? 0.9346 0.8598 0.7062 0.1313 -0.0477 0.0402  8  DT A C7    
165 C C6    . DT A 8  ? 0.9391 0.8729 0.6229 0.1532 -0.0906 0.0313  8  DT A C6    
166 P P     . DT A 9  ? 1.2209 1.1618 0.7375 0.3039 -0.1829 -0.0342 9  DT A P     
167 O OP1   . DT A 9  ? 1.2396 1.1938 0.7295 0.3528 -0.2210 -0.0722 9  DT A OP1   
168 O OP2   . DT A 9  ? 1.2272 1.1390 0.7116 0.3148 -0.1403 0.0051  9  DT A OP2   
169 O "O5'" . DT A 9  ? 1.0823 1.0420 0.6632 0.2556 -0.1934 -0.0448 9  DT A "O5'" 
170 C "C5'" . DT A 9  ? 0.9985 0.9801 0.6389 0.2276 -0.2139 -0.0682 9  DT A "C5'" 
171 C "C4'" . DT A 9  ? 0.8819 0.8716 0.5700 0.1897 -0.2075 -0.0633 9  DT A "C4'" 
172 O "O4'" . DT A 9  ? 0.8691 0.8501 0.5544 0.1642 -0.1813 -0.0343 9  DT A "O4'" 
173 C "C3'" . DT A 9  ? 0.8699 0.8581 0.5483 0.1998 -0.2105 -0.0656 9  DT A "C3'" 
174 O "O3'" . DT A 9  ? 0.8280 0.8315 0.5680 0.1786 -0.2200 -0.0821 9  DT A "O3'" 
175 C "C2'" . DT A 9  ? 0.8553 0.8270 0.5084 0.1877 -0.1806 -0.0318 9  DT A "C2'" 
176 C "C1'" . DT A 9  ? 0.8229 0.8003 0.5074 0.1552 -0.1704 -0.0224 9  DT A "C1'" 
177 N N1    . DT A 9  ? 0.7838 0.7516 0.4637 0.1434 -0.1469 -0.0010 9  DT A N1    
178 C C2    . DT A 9  ? 0.7394 0.7180 0.4489 0.1181 -0.1431 0.0016  9  DT A C2    
179 O O2    . DT A 9  ? 0.7099 0.7005 0.4398 0.1073 -0.1511 -0.0045 9  DT A O2    
180 N N3    . DT A 9  ? 0.7360 0.7104 0.4549 0.1114 -0.1272 0.0103  9  DT A N3    
181 C C4    . DT A 9  ? 0.7636 0.7202 0.4772 0.1231 -0.1066 0.0216  9  DT A C4    
182 O O4    . DT A 9  ? 0.7909 0.7469 0.5379 0.1136 -0.0920 0.0231  9  DT A O4    
183 C C5    . DT A 9  ? 0.7946 0.7342 0.4667 0.1524 -0.1028 0.0284  9  DT A C5    
184 C C7    . DT A 9  ? 0.8556 0.7685 0.5143 0.1757 -0.0695 0.0496  9  DT A C7    
185 C C6    . DT A 9  ? 0.8037 0.7520 0.4564 0.1631 -0.1272 0.0141  9  DT A C6    
186 P P     . DG A 10 ? 0.8389 0.8478 0.5936 0.1870 -0.2311 -0.0970 10 DG A P     
187 O OP1   . DG A 10 ? 0.8574 0.8842 0.6918 0.1808 -0.2481 -0.1300 10 DG A OP1   
188 O OP2   . DG A 10 ? 0.8421 0.8411 0.5308 0.2263 -0.2375 -0.0974 10 DG A OP2   
189 O "O5'" . DG A 10 ? 0.7878 0.7894 0.5433 0.1572 -0.2050 -0.0656 10 DG A "O5'" 
190 C "C5'" . DG A 10 ? 0.7705 0.7727 0.5476 0.1286 -0.1860 -0.0461 10 DG A "C5'" 
191 C "C4'" . DG A 10 ? 0.6996 0.6955 0.4538 0.1167 -0.1681 -0.0221 10 DG A "C4'" 
192 O "O4'" . DG A 10 ? 0.7226 0.7078 0.4403 0.1239 -0.1595 -0.0105 10 DG A "O4'" 
193 C "C3'" . DG A 10 ? 0.7092 0.7033 0.4593 0.1197 -0.1683 -0.0214 10 DG A "C3'" 
194 O "O3'" . DG A 10 ? 0.6942 0.6905 0.4515 0.1035 -0.1541 -0.0060 10 DG A "O3'" 
195 C "C2'" . DG A 10 ? 0.7241 0.7049 0.4281 0.1388 -0.1647 -0.0145 10 DG A "C2'" 
196 C "C1'" . DG A 10 ? 0.7272 0.7034 0.4262 0.1296 -0.1505 -0.0010 10 DG A "C1'" 
197 N N9    . DG A 10 ? 0.7406 0.6996 0.4086 0.1488 -0.1367 0.0101  10 DG A N9    
198 C C8    . DG A 10 ? 0.8015 0.7480 0.4294 0.1835 -0.1381 0.0095  10 DG A C8    
199 N N7    . DG A 10 ? 0.8067 0.7324 0.4116 0.2008 -0.1121 0.0295  10 DG A N7    
200 C C5    . DG A 10 ? 0.7963 0.7243 0.4420 0.1705 -0.0964 0.0377  10 DG A C5    
201 C C6    . DG A 10 ? 0.8205 0.7324 0.4855 0.1702 -0.0645 0.0546  10 DG A C6    
202 O O6    . DG A 10 ? 0.8694 0.7559 0.5146 0.1980 -0.0349 0.0745  10 DG A O6    
203 N N1    . DG A 10 ? 0.7881 0.7157 0.5059 0.1389 -0.0661 0.0457  10 DG A N1    
204 C C2    . DG A 10 ? 0.7483 0.7003 0.4799 0.1179 -0.0915 0.0293  10 DG A C2    
205 N N2    . DG A 10 ? 0.7320 0.6983 0.5047 0.1014 -0.0925 0.0192  10 DG A N2    
206 N N3    . DG A 10 ? 0.7429 0.7045 0.4546 0.1183 -0.1120 0.0222  10 DG A N3    
207 C C4    . DG A 10 ? 0.7544 0.7045 0.4314 0.1417 -0.1147 0.0242  10 DG A C4    
208 P P     . DG A 11 ? 0.6832 0.6827 0.4603 0.0988 -0.1504 -0.0042 11 DG A P     
209 O OP1   . DG A 11 ? 0.6774 0.6815 0.4997 0.1014 -0.1577 -0.0211 11 DG A OP1   
210 O OP2   . DG A 11 ? 0.6975 0.6914 0.4481 0.1025 -0.1491 0.0010  11 DG A OP2   
211 O "O5'" . DG A 11 ? 0.6978 0.7018 0.4771 0.0917 -0.1355 0.0111  11 DG A "O5'" 
212 C "C5'" . DG A 11 ? 0.7134 0.7200 0.5085 0.0919 -0.1272 0.0158  11 DG A "C5'" 
213 C "C4'" . DG A 11 ? 0.7181 0.7243 0.5254 0.0978 -0.1076 0.0308  11 DG A "C4'" 
214 O "O4'" . DG A 11 ? 0.7141 0.7255 0.4861 0.1050 -0.1082 0.0367  11 DG A "O4'" 
215 C "C3'" . DG A 11 ? 0.7254 0.7274 0.5715 0.0955 -0.1009 0.0292  11 DG A "C3'" 
216 O "O3'" . DG A 11 ? 0.8035 0.7994 0.6846 0.1030 -0.0720 0.0457  11 DG A "O3'" 
217 C "C2'" . DG A 11 ? 0.6859 0.6892 0.5016 0.0968 -0.1049 0.0329  11 DG A "C2'" 
218 C "C1'" . DG A 11 ? 0.6846 0.6938 0.4607 0.1064 -0.1028 0.0415  11 DG A "C1'" 
219 N N9    . DG A 11 ? 0.6610 0.6761 0.4122 0.1056 -0.1152 0.0343  11 DG A N9    
220 C C8    . DG A 11 ? 0.6417 0.6539 0.3904 0.0961 -0.1264 0.0245  11 DG A C8    
221 N N7    . DG A 11 ? 0.6388 0.6564 0.3804 0.0976 -0.1297 0.0196  11 DG A N7    
222 C C5    . DG A 11 ? 0.6638 0.6921 0.3957 0.1118 -0.1279 0.0215  11 DG A C5    
223 C C6    . DG A 11 ? 0.6907 0.7332 0.4166 0.1250 -0.1361 0.0097  11 DG A C6    
224 O O6    . DG A 11 ? 0.6864 0.7344 0.4302 0.1199 -0.1439 -0.0054 11 DG A O6    
225 N N1    . DG A 11 ? 0.7006 0.7512 0.4018 0.1514 -0.1325 0.0151  11 DG A N1    
226 C C2    . DG A 11 ? 0.7220 0.7631 0.4121 0.1616 -0.1141 0.0361  11 DG A C2    
227 N N2    . DG A 11 ? 0.7463 0.7919 0.4039 0.1976 -0.1045 0.0455  11 DG A N2    
228 N N3    . DG A 11 ? 0.6908 0.7186 0.4036 0.1432 -0.1040 0.0458  11 DG A N3    
229 C C4    . DG A 11 ? 0.6684 0.6928 0.3988 0.1197 -0.1159 0.0347  11 DG A C4    
230 P P     . DA A 12 ? 0.8400 0.8293 0.7883 0.1012 -0.0540 0.0456  12 DA A P     
231 O OP1   . DA A 12 ? 0.8704 0.8531 0.8901 0.1020 -0.0303 0.0475  12 DA A OP1   
232 O OP2   . DA A 12 ? 0.8235 0.8194 0.7789 0.0924 -0.0819 0.0205  12 DA A OP2   
233 O "O5'" . DA A 12 ? 0.8597 0.8427 0.7737 0.1168 -0.0303 0.0733  12 DA A "O5'" 
234 C "C5'" . DA A 12 ? 0.8671 0.8478 0.7304 0.1400 -0.0129 0.0967  12 DA A "C5'" 
235 C "C4'" . DA A 12 ? 0.8804 0.8567 0.7150 0.1614 0.0056  0.1166  12 DA A "C4'" 
236 O "O4'" . DA A 12 ? 0.8723 0.8626 0.6571 0.1578 -0.0265 0.1009  12 DA A "O4'" 
237 C "C3'" . DA A 12 ? 0.8824 0.8470 0.7783 0.1555 0.0288  0.1236  12 DA A "C3'" 
238 O "O3'" . DA A 12 ? 0.9478 0.9011 0.8095 0.1910 0.0648  0.1569  12 DA A "O3'" 
239 C "C2'" . DA A 12 ? 0.8377 0.8139 0.7224 0.1348 -0.0077 0.0987  12 DA A "C2'" 
240 C "C1'" . DA A 12 ? 0.8431 0.8311 0.6486 0.1465 -0.0285 0.0972  12 DA A "C1'" 
241 N N9    . DA A 12 ? 0.7909 0.7897 0.5790 0.1275 -0.0636 0.0733  12 DA A N9    
242 C C8    . DA A 12 ? 0.7721 0.7714 0.5845 0.1078 -0.0819 0.0546  12 DA A C8    
243 N N7    . DA A 12 ? 0.7441 0.7480 0.5290 0.1014 -0.1023 0.0430  12 DA A N7    
244 C C5    . DA A 12 ? 0.7479 0.7583 0.5019 0.1123 -0.1010 0.0485  12 DA A C5    
245 C C6    . DA A 12 ? 0.7373 0.7549 0.4727 0.1114 -0.1144 0.0382  12 DA A C6    
246 N N6    . DA A 12 ? 0.7340 0.7477 0.4738 0.0993 -0.1234 0.0292  12 DA A N6    
247 N N1    . DA A 12 ? 0.7286 0.7573 0.4453 0.1290 -0.1160 0.0365  12 DA A N1    
248 C C2    . DA A 12 ? 0.7727 0.8017 0.4726 0.1523 -0.1015 0.0508  12 DA A C2    
249 N N3    . DA A 12 ? 0.7864 0.8032 0.4982 0.1566 -0.0790 0.0699  12 DA A N3    
250 C C4    . DA A 12 ? 0.7673 0.7765 0.5150 0.1318 -0.0811 0.0652  12 DA A C4    
251 P P     . DG A 13 ? 0.9668 0.9013 0.8828 0.2004 0.1088  0.1802  13 DG A P     
252 O OP1   . DG A 13 ? 1.0794 0.9923 0.9764 0.2460 0.1651  0.2244  13 DG A OP1   
253 O OP2   . DG A 13 ? 0.9475 0.8816 0.9677 0.1658 0.1040  0.1561  13 DG A OP2   
254 O "O5'" . DG A 13 ? 0.9235 0.8673 0.7816 0.2063 0.0878  0.1762  13 DG A "O5'" 
255 C "C5'" . DG A 13 ? 0.9413 0.8968 0.7051 0.2364 0.0708  0.1785  13 DG A "C5'" 
256 C "C4'" . DG A 13 ? 0.9331 0.8994 0.6774 0.2269 0.0455  0.1636  13 DG A "C4'" 
257 O "O4'" . DG A 13 ? 0.8762 0.8584 0.6286 0.1897 0.0010  0.1294  13 DG A "O4'" 
258 C "C3'" . DG A 13 ? 0.9386 0.8902 0.7453 0.2143 0.0715  0.1745  13 DG A "C3'" 
259 O "O3'" . DG A 13 ? 1.0735 1.0073 0.8661 0.2538 0.1181  0.2111  13 DG A "O3'" 
260 C "C2'" . DG A 13 ? 0.9118 0.8774 0.7280 0.1796 0.0300  0.1431  13 DG A "C2'" 
261 C "C1'" . DG A 13 ? 0.8519 0.8344 0.6306 0.1676 -0.0100 0.1186  13 DG A "C1'" 
262 N N9    . DG A 13 ? 0.8093 0.7960 0.6227 0.1360 -0.0345 0.0942  13 DG A N9    
263 C C8    . DG A 13 ? 0.7782 0.7596 0.6522 0.1221 -0.0297 0.0860  13 DG A C8    
264 N N7    . DG A 13 ? 0.7556 0.7443 0.6323 0.1056 -0.0600 0.0610  13 DG A N7    
265 C C5    . DG A 13 ? 0.7656 0.7609 0.5864 0.1057 -0.0786 0.0578  13 DG A C5    
266 C C6    . DG A 13 ? 0.7541 0.7532 0.5529 0.0970 -0.1030 0.0415  13 DG A C6    
267 O O6    . DG A 13 ? 0.7507 0.7489 0.5597 0.0927 -0.1169 0.0266  13 DG A O6    
268 N N1    . DG A 13 ? 0.7516 0.7553 0.5156 0.0998 -0.1082 0.0433  13 DG A N1    
269 C C2    . DG A 13 ? 0.7711 0.7802 0.5174 0.1127 -0.1003 0.0523  13 DG A C2    
270 N N2    . DG A 13 ? 0.7976 0.8148 0.5264 0.1147 -0.1115 0.0431  13 DG A N2    
271 N N3    . DG A 13 ? 0.7466 0.7524 0.4954 0.1279 -0.0802 0.0685  13 DG A N3    
272 C C4    . DG A 13 ? 0.7501 0.7467 0.5387 0.1220 -0.0664 0.0737  13 DG A C4    
273 P P     . DA A 14 ? 1.0336 0.9745 0.7437 0.2910 0.1114  0.2183  14 DA A P     
274 O OP1   . DA A 14 ? 1.1074 1.0720 0.8040 0.2590 0.0567  0.1802  14 DA A OP1   
275 O OP2   . DA A 14 ? 1.0547 0.9955 0.6914 0.3453 0.1244  0.2355  14 DA A OP2   
276 O "O5'" . DA A 14 ? 1.0030 0.9268 0.7659 0.2850 0.1439  0.2360  14 DA A "O5'" 
277 C "C5'" . DA A 14 ? 0.9127 0.8355 0.7685 0.2364 0.1361  0.2162  14 DA A "C5'" 
278 C "C4'" . DA A 14 ? 0.9174 0.8209 0.8276 0.2438 0.1789  0.2387  14 DA A "C4'" 
279 O "O4'" . DA A 14 ? 0.9414 0.8163 0.8765 0.2810 0.2471  0.2832  14 DA A "O4'" 
280 C "C3'" . DA A 14 ? 0.9291 0.8361 0.7704 0.2675 0.1740  0.2478  14 DA A "C3'" 
281 O "O3'" . DA A 14 ? 0.9202 0.8454 0.7650 0.2324 0.1275  0.2142  14 DA A "O3'" 
282 C "C2'" . DA A 14 ? 0.9538 0.8314 0.8482 0.2911 0.2406  0.2875  14 DA A "C2'" 
283 C "C1'" . DA A 14 ? 0.9557 0.8121 0.8830 0.3126 0.2898  0.3161  14 DA A "C1'" 
284 N N9    . DA A 14 ? 0.9959 0.8391 0.8254 0.3795 0.3240  0.3564  14 DA A N9    
285 C C8    . DA A 14 ? 1.0032 0.8612 0.7330 0.4109 0.2972  0.3514  14 DA A C8    
286 N N7    . DA A 14 ? 1.0603 0.9016 0.7118 0.4834 0.3390  0.3915  14 DA A N7    
287 C C5    . DA A 14 ? 1.0908 0.8999 0.7960 0.4993 0.4048  0.4320  14 DA A C5    
288 C C6    . DA A 14 ? 1.1721 0.9472 0.8347 0.5738 0.4785  0.4902  14 DA A C6    
289 N N6    . DA A 14 ? 1.2613 1.0322 0.8008 0.6551 0.4931  0.5157  14 DA A N6    
290 N N1    . DA A 14 ? 1.1769 0.9217 0.9295 0.5681 0.5396  0.5214  14 DA A N1    
291 C C2    . DA A 14 ? 1.1048 0.8585 0.9814 0.4929 0.5187  0.4881  14 DA A C2    
292 N N3    . DA A 14 ? 1.0238 0.8105 0.9394 0.4253 0.4467  0.4306  14 DA A N3    
293 C C4    . DA A 14 ? 1.0265 0.8374 0.8500 0.4323 0.3955  0.4085  14 DA A C4    
# 
